data_9K6P
#
_entry.id   9K6P
#
loop_
_entity.id
_entity.type
_entity.pdbx_description
1 polymer 'Protein argonaute-2'
2 polymer "RNA (5'-R(P*UP*AP*CP*AP*AP*GP*AP*GP*CP*C)-3')"
3 polymer "RNA (5'-R(P*GP*GP*CP*UP*CP*UP*UP*GP*U)-3')"
#
loop_
_entity_poly.entity_id
_entity_poly.type
_entity_poly.pdbx_seq_one_letter_code
_entity_poly.pdbx_strand_id
1 'polypeptide(L)'
;MYSGAGPALAPPAPPPPIQGYAFKPPPRPDFGTSGRTIKLQANFFEMDIPKIDIYHYELDIKPEKCPRRVNREIVEHMVQ
HFKTQIFGDRKPVFDGRKNLYTAMPLPIGRDKVELEVTLPGEGKDRIFKVSIKWVSCVSLQALHDALSGRLPSVPFETIQ
ALDVVMRHLPSMRYTPVGRSFFTASEGCSNPLGGGREVWFGFHQSVRPSLWKMMLNIDVSATAFYKAQPVIEFVCEVLDF
KSIEEQQKPLTDSQRVKFTKEIKGLKVEITHCGQMKRKYRVCNVTRRPASHQTFPLQQESGQTVECTVAQYFKDRHKLVL
RYPHLPCLQVGQEQKHTYLPLEVCNIVAGQRCIKKLTDNQTSTMIRATARSAPDRQEEISKLMRSASFNTDPYVREFGIM
VKDEMTDVTGRVLQPPSILYGGRNKAIATPVQGVWDMRNKQFHTGIEIKVWAIACFAPQRQCTEVHLKSFTEQLRKISRD
AGMPIQGQPCFCKYAQGADSVEPMFRHLKNTYAGLQLVVVILPGKTPVYAEVKRVGDTVLGMATQCVQMKNVQRTTPQTL
SNLCLKINVKLGGVNNILLPQGRPPVFQQPVIFLGADVTHPPAGDGKKPSIAAVVGSMDAHPNRYCATVRVQQHRQEIIQ
DLAAMVRELLIQFYKSTRFKPTRIIFYRAGVSEGQFQQVLHHELLAIREACIKLEKDYQPGITFIVVQKRHHTRLFCTDK
NERVGKSGNIPAGTTVDTKITHPTEFDFYLCSHAGIQGTSRPSHYHVLWDDNRFSSDELQILTYQLCHTYVRCTRSVSIP
APAYYAHLVAFRARYHLVDKEHDSAEGSHTSGQSNGRDHQALAKAVQVHQDTLRTMYFA
;
A
2 'polyribonucleotide' UACAAGAGCC B
3 'polyribonucleotide' GGCUCUUGU C
#
loop_
_chem_comp.id
_chem_comp.type
_chem_comp.name
_chem_comp.formula
A RNA linking ADENOSINE-5'-MONOPHOSPHATE 'C10 H14 N5 O7 P'
C RNA linking CYTIDINE-5'-MONOPHOSPHATE 'C9 H14 N3 O8 P'
G RNA linking GUANOSINE-5'-MONOPHOSPHATE 'C10 H14 N5 O8 P'
U RNA linking URIDINE-5'-MONOPHOSPHATE 'C9 H13 N2 O9 P'
#
# COMPACT_ATOMS: atom_id res chain seq x y z
N GLY A 20 -15.61 -16.88 -19.88
CA GLY A 20 -15.96 -17.55 -18.65
C GLY A 20 -16.05 -16.62 -17.46
N TYR A 21 -15.33 -15.51 -17.52
CA TYR A 21 -15.30 -14.52 -16.44
C TYR A 21 -16.33 -13.41 -16.71
N ALA A 22 -17.60 -13.83 -16.78
CA ALA A 22 -18.69 -12.89 -17.00
C ALA A 22 -19.15 -12.21 -15.72
N PHE A 23 -18.63 -12.64 -14.56
CA PHE A 23 -18.95 -11.98 -13.29
C PHE A 23 -18.03 -10.78 -13.12
N LYS A 24 -18.39 -9.71 -13.81
CA LYS A 24 -17.65 -8.48 -14.00
C LYS A 24 -18.16 -7.39 -13.06
N PRO A 25 -17.33 -6.38 -12.76
CA PRO A 25 -17.88 -5.17 -12.10
C PRO A 25 -18.84 -4.46 -13.03
N PRO A 26 -19.96 -3.95 -12.49
CA PRO A 26 -20.96 -3.32 -13.35
C PRO A 26 -20.50 -1.97 -13.83
N PRO A 27 -21.04 -1.48 -14.95
CA PRO A 27 -20.82 -0.09 -15.35
C PRO A 27 -21.42 0.87 -14.34
N ARG A 28 -20.81 2.04 -14.25
CA ARG A 28 -21.30 3.07 -13.34
C ARG A 28 -22.64 3.60 -13.85
N PRO A 29 -23.67 3.67 -13.00
CA PRO A 29 -24.98 4.12 -13.50
C PRO A 29 -25.08 5.62 -13.73
N ASP A 30 -24.52 6.43 -12.83
CA ASP A 30 -24.75 7.87 -12.89
C ASP A 30 -23.54 8.58 -12.29
N PHE A 31 -23.20 9.71 -12.89
CA PHE A 31 -22.14 10.57 -12.38
C PHE A 31 -22.62 11.30 -11.12
N GLY A 32 -21.67 11.81 -10.36
CA GLY A 32 -21.98 12.48 -9.11
C GLY A 32 -22.26 13.96 -9.30
N THR A 33 -23.18 14.48 -8.49
CA THR A 33 -23.56 15.89 -8.51
C THR A 33 -23.60 16.56 -7.15
N SER A 34 -23.34 15.84 -6.06
CA SER A 34 -23.60 16.34 -4.72
C SER A 34 -22.51 17.32 -4.28
N GLY A 35 -22.80 18.06 -3.21
CA GLY A 35 -21.82 18.94 -2.62
C GLY A 35 -21.49 20.15 -3.47
N ARG A 36 -20.46 20.90 -3.09
CA ARG A 36 -20.02 22.03 -3.91
C ARG A 36 -19.04 21.54 -4.97
N THR A 37 -19.25 21.99 -6.20
CA THR A 37 -18.39 21.59 -7.30
C THR A 37 -17.11 22.42 -7.31
N ILE A 38 -15.98 21.74 -7.49
CA ILE A 38 -14.67 22.39 -7.47
C ILE A 38 -13.97 22.04 -8.78
N LYS A 39 -13.10 22.94 -9.22
CA LYS A 39 -12.28 22.74 -10.40
C LYS A 39 -10.83 22.58 -9.93
N LEU A 40 -10.37 21.35 -9.83
CA LEU A 40 -9.08 21.06 -9.22
C LEU A 40 -8.01 20.90 -10.30
N GLN A 41 -6.76 20.91 -9.86
CA GLN A 41 -5.61 20.60 -10.70
C GLN A 41 -5.02 19.28 -10.22
N ALA A 42 -5.26 18.20 -10.96
CA ALA A 42 -4.82 16.88 -10.56
C ALA A 42 -3.33 16.71 -10.82
N ASN A 43 -2.78 15.57 -10.40
CA ASN A 43 -1.42 15.19 -10.77
C ASN A 43 -1.44 14.48 -12.13
N PHE A 44 -1.85 15.23 -13.14
CA PHE A 44 -1.95 14.68 -14.48
C PHE A 44 -1.44 15.71 -15.47
N PHE A 45 -1.00 15.24 -16.63
CA PHE A 45 -0.43 16.08 -17.66
C PHE A 45 -1.03 15.70 -19.00
N GLU A 46 -1.70 16.68 -19.61
CA GLU A 46 -2.41 16.47 -20.87
C GLU A 46 -1.43 16.16 -21.99
N MET A 47 -1.87 15.34 -22.93
CA MET A 47 -1.01 14.84 -23.98
C MET A 47 -1.88 14.40 -25.15
N ASP A 48 -1.39 14.59 -26.36
CA ASP A 48 -2.12 14.19 -27.56
C ASP A 48 -1.51 12.90 -28.06
N ILE A 49 -2.32 11.84 -28.12
CA ILE A 49 -1.89 10.53 -28.54
C ILE A 49 -2.41 10.28 -29.96
N PRO A 50 -1.58 9.86 -30.90
CA PRO A 50 -2.06 9.69 -32.28
C PRO A 50 -2.83 8.39 -32.47
N LYS A 51 -3.21 8.12 -33.72
CA LYS A 51 -3.93 6.91 -34.07
C LYS A 51 -3.03 5.85 -34.70
N ILE A 52 -1.70 6.03 -34.62
CA ILE A 52 -0.80 5.07 -35.23
C ILE A 52 -0.75 3.81 -34.38
N ASP A 53 -0.25 2.73 -34.98
CA ASP A 53 -0.20 1.43 -34.32
C ASP A 53 1.23 1.12 -33.93
N ILE A 54 1.43 0.76 -32.67
CA ILE A 54 2.75 0.43 -32.15
C ILE A 54 2.99 -1.06 -32.35
N TYR A 55 4.10 -1.42 -32.98
CA TYR A 55 4.42 -2.81 -33.22
C TYR A 55 5.05 -3.44 -32.00
N HIS A 56 5.03 -4.77 -31.95
CA HIS A 56 5.59 -5.54 -30.85
C HIS A 56 6.58 -6.58 -31.35
N TYR A 57 7.75 -6.60 -30.71
CA TYR A 57 8.80 -7.55 -30.99
C TYR A 57 9.24 -8.18 -29.66
N GLU A 58 9.79 -9.37 -29.74
CA GLU A 58 10.29 -10.07 -28.56
C GLU A 58 11.81 -10.17 -28.60
N LEU A 59 12.42 -10.11 -27.41
CA LEU A 59 13.85 -10.35 -27.27
C LEU A 59 14.07 -11.63 -26.48
N ASP A 60 14.57 -12.65 -27.14
CA ASP A 60 15.05 -13.85 -26.46
C ASP A 60 16.55 -13.70 -26.24
N ILE A 61 16.95 -13.31 -25.03
CA ILE A 61 18.34 -13.01 -24.71
C ILE A 61 19.00 -14.27 -24.18
N LYS A 62 20.11 -14.67 -24.80
CA LYS A 62 20.93 -15.74 -24.26
C LYS A 62 22.34 -15.17 -24.09
N PRO A 63 22.90 -15.22 -22.89
CA PRO A 63 22.34 -15.73 -21.62
C PRO A 63 21.45 -14.73 -20.89
N GLU A 64 20.61 -15.21 -19.97
CA GLU A 64 19.78 -14.35 -19.13
C GLU A 64 20.43 -14.05 -17.78
N LYS A 65 21.71 -14.41 -17.62
CA LYS A 65 22.40 -14.11 -16.37
C LYS A 65 22.71 -12.61 -16.25
N CYS A 66 22.78 -11.91 -17.37
CA CYS A 66 23.06 -10.48 -17.33
C CYS A 66 21.82 -9.72 -16.86
N PRO A 67 21.97 -8.63 -16.08
CA PRO A 67 20.81 -7.84 -15.67
C PRO A 67 20.20 -6.99 -16.77
N ARG A 68 19.22 -6.15 -16.38
CA ARG A 68 18.42 -5.41 -17.34
C ARG A 68 19.23 -4.28 -18.00
N ARG A 69 20.11 -3.65 -17.23
CA ARG A 69 20.93 -2.55 -17.76
C ARG A 69 21.92 -3.06 -18.80
N VAL A 70 22.45 -4.26 -18.60
CA VAL A 70 23.35 -4.86 -19.59
C VAL A 70 22.59 -5.18 -20.86
N ASN A 71 21.32 -5.60 -20.74
CA ASN A 71 20.46 -5.80 -21.90
C ASN A 71 20.23 -4.50 -22.65
N ARG A 72 19.98 -3.40 -21.91
CA ARG A 72 19.77 -2.10 -22.55
C ARG A 72 21.02 -1.61 -23.26
N GLU A 73 22.19 -1.86 -22.66
CA GLU A 73 23.45 -1.50 -23.28
C GLU A 73 23.73 -2.31 -24.53
N ILE A 74 23.37 -3.61 -24.53
CA ILE A 74 23.61 -4.39 -25.75
C ILE A 74 22.63 -4.04 -26.85
N VAL A 75 21.36 -3.70 -26.53
CA VAL A 75 20.45 -3.25 -27.58
C VAL A 75 20.89 -1.90 -28.14
N GLU A 76 21.40 -1.01 -27.28
CA GLU A 76 22.01 0.23 -27.76
C GLU A 76 23.23 -0.05 -28.63
N HIS A 77 23.98 -1.11 -28.32
CA HIS A 77 25.13 -1.50 -29.14
C HIS A 77 24.71 -2.02 -30.50
N MET A 78 23.56 -2.72 -30.59
CA MET A 78 23.23 -3.25 -31.92
C MET A 78 22.41 -2.25 -32.74
N VAL A 79 21.85 -1.21 -32.13
CA VAL A 79 21.43 -0.06 -32.93
C VAL A 79 22.64 0.73 -33.41
N GLN A 80 23.62 0.96 -32.53
CA GLN A 80 24.80 1.71 -32.96
C GLN A 80 25.78 0.90 -33.79
N HIS A 81 25.55 -0.41 -33.96
CA HIS A 81 26.42 -1.27 -34.74
C HIS A 81 25.75 -1.84 -35.98
N PHE A 82 24.44 -2.02 -35.98
CA PHE A 82 23.69 -2.58 -37.09
C PHE A 82 22.47 -1.71 -37.39
N LYS A 83 22.73 -0.41 -37.56
CA LYS A 83 21.67 0.57 -37.78
C LYS A 83 20.97 0.37 -39.13
N THR A 84 21.73 0.10 -40.17
CA THR A 84 21.19 0.12 -41.53
C THR A 84 20.43 -1.15 -41.89
N GLN A 85 20.49 -2.20 -41.06
CA GLN A 85 19.86 -3.47 -41.40
C GLN A 85 18.53 -3.68 -40.67
N ILE A 86 18.50 -3.44 -39.37
CA ILE A 86 17.31 -3.74 -38.58
C ILE A 86 16.39 -2.53 -38.45
N PHE A 87 16.94 -1.34 -38.27
CA PHE A 87 16.16 -0.19 -37.86
C PHE A 87 16.16 0.95 -38.88
N GLY A 88 17.33 1.48 -39.24
CA GLY A 88 17.36 2.71 -40.00
C GLY A 88 16.94 3.90 -39.14
N ASP A 89 16.27 4.85 -39.78
CA ASP A 89 15.75 6.02 -39.07
C ASP A 89 14.58 5.67 -38.17
N ARG A 90 13.78 4.67 -38.53
CA ARG A 90 12.75 4.14 -37.64
C ARG A 90 13.47 3.42 -36.51
N LYS A 91 13.17 3.79 -35.26
CA LYS A 91 13.91 3.22 -34.14
C LYS A 91 12.97 2.73 -33.06
N PRO A 92 13.30 1.61 -32.42
CA PRO A 92 12.40 1.02 -31.41
C PRO A 92 12.39 1.76 -30.08
N VAL A 93 11.53 1.28 -29.21
CA VAL A 93 11.47 1.73 -27.84
C VAL A 93 11.50 0.47 -26.97
N PHE A 94 12.07 0.58 -25.77
CA PHE A 94 12.56 -0.65 -25.15
C PHE A 94 12.04 -0.86 -23.74
N ASP A 95 11.47 -2.04 -23.51
CA ASP A 95 11.26 -2.53 -22.16
C ASP A 95 12.37 -3.52 -21.80
N GLY A 96 13.06 -3.26 -20.70
CA GLY A 96 14.42 -3.77 -20.52
C GLY A 96 14.54 -5.25 -20.20
N ARG A 97 13.44 -5.98 -20.07
CA ARG A 97 13.54 -7.41 -19.81
C ARG A 97 13.21 -8.25 -21.05
N LYS A 98 12.03 -8.08 -21.62
CA LYS A 98 11.66 -8.92 -22.75
C LYS A 98 11.13 -8.13 -23.94
N ASN A 99 10.36 -7.07 -23.70
CA ASN A 99 9.53 -6.47 -24.73
C ASN A 99 10.29 -5.40 -25.52
N LEU A 100 9.94 -5.28 -26.79
CA LEU A 100 10.56 -4.31 -27.68
C LEU A 100 9.46 -3.78 -28.60
N TYR A 101 9.06 -2.54 -28.38
CA TYR A 101 7.98 -1.90 -29.13
C TYR A 101 8.53 -0.81 -30.05
N THR A 102 7.77 -0.51 -31.11
CA THR A 102 8.13 0.55 -32.04
C THR A 102 6.87 1.18 -32.61
N ALA A 103 6.80 2.51 -32.63
CA ALA A 103 5.71 3.20 -33.32
C ALA A 103 5.82 3.09 -34.83
N MET A 104 7.02 3.16 -35.39
CA MET A 104 7.13 3.05 -36.83
C MET A 104 7.26 1.59 -37.26
N PRO A 105 6.92 1.25 -38.53
CA PRO A 105 7.22 -0.10 -39.03
C PRO A 105 8.71 -0.29 -39.23
N LEU A 106 9.31 -1.13 -38.39
CA LEU A 106 10.72 -1.45 -38.52
C LEU A 106 10.95 -2.34 -39.74
N PRO A 107 12.11 -2.20 -40.42
CA PRO A 107 12.47 -3.09 -41.52
C PRO A 107 13.12 -4.41 -41.09
N ILE A 108 12.48 -5.11 -40.15
CA ILE A 108 12.91 -6.43 -39.73
C ILE A 108 11.82 -7.48 -39.97
N GLY A 109 10.58 -7.19 -39.61
CA GLY A 109 9.44 -8.00 -40.01
C GLY A 109 9.40 -9.38 -39.38
N ARG A 110 8.95 -10.35 -40.18
CA ARG A 110 8.80 -11.74 -39.74
C ARG A 110 10.14 -12.42 -39.53
N ASP A 111 11.20 -11.92 -40.17
CA ASP A 111 12.51 -12.58 -40.18
C ASP A 111 13.14 -12.54 -38.80
N LYS A 112 13.25 -13.71 -38.17
CA LYS A 112 13.81 -13.82 -36.83
C LYS A 112 15.32 -13.92 -36.96
N VAL A 113 15.99 -12.77 -36.84
CA VAL A 113 17.44 -12.72 -36.90
C VAL A 113 17.98 -13.00 -35.50
N GLU A 114 18.68 -14.13 -35.36
CA GLU A 114 19.38 -14.46 -34.11
C GLU A 114 20.74 -13.76 -34.10
N LEU A 115 20.69 -12.45 -33.83
CA LEU A 115 21.88 -11.62 -33.96
C LEU A 115 22.84 -11.89 -32.80
N GLU A 116 24.12 -12.00 -33.13
CA GLU A 116 25.16 -12.33 -32.16
C GLU A 116 25.90 -11.05 -31.82
N VAL A 117 25.68 -10.55 -30.60
CA VAL A 117 26.36 -9.34 -30.16
C VAL A 117 27.80 -9.67 -29.83
N THR A 118 28.73 -8.99 -30.50
CA THR A 118 30.16 -9.23 -30.34
C THR A 118 30.79 -8.00 -29.71
N LEU A 119 30.75 -7.93 -28.38
CA LEU A 119 31.57 -6.96 -27.66
C LEU A 119 33.00 -7.45 -27.67
N PRO A 120 33.96 -6.68 -28.19
CA PRO A 120 35.34 -7.15 -28.25
C PRO A 120 35.99 -7.21 -26.87
N GLY A 121 36.92 -8.16 -26.73
CA GLY A 121 37.53 -8.40 -25.45
C GLY A 121 38.97 -8.86 -25.60
N GLU A 122 39.58 -9.13 -24.43
CA GLU A 122 40.98 -9.60 -24.39
C GLU A 122 40.96 -11.10 -24.76
N GLY A 123 40.88 -11.38 -26.04
CA GLY A 123 40.80 -12.75 -26.52
C GLY A 123 39.39 -13.30 -26.50
N LYS A 124 38.83 -13.46 -25.30
CA LYS A 124 37.46 -13.93 -25.14
C LYS A 124 36.52 -12.75 -25.35
N ASP A 125 35.75 -12.78 -26.44
CA ASP A 125 34.76 -11.75 -26.69
C ASP A 125 33.45 -12.09 -25.95
N ARG A 126 32.72 -11.04 -25.57
CA ARG A 126 31.48 -11.19 -24.83
C ARG A 126 30.36 -11.42 -25.83
N ILE A 127 29.86 -12.65 -25.90
CA ILE A 127 28.91 -13.05 -26.91
C ILE A 127 27.51 -13.10 -26.31
N PHE A 128 26.61 -12.31 -26.87
CA PHE A 128 25.20 -12.32 -26.48
C PHE A 128 24.39 -12.78 -27.68
N LYS A 129 23.58 -13.81 -27.48
CA LYS A 129 22.78 -14.41 -28.56
C LYS A 129 21.34 -13.96 -28.36
N VAL A 130 20.96 -12.91 -29.09
CA VAL A 130 19.64 -12.31 -29.00
C VAL A 130 18.91 -12.55 -30.32
N SER A 131 17.63 -12.88 -30.24
CA SER A 131 16.79 -13.04 -31.42
C SER A 131 15.63 -12.06 -31.37
N ILE A 132 15.37 -11.42 -32.50
CA ILE A 132 14.32 -10.41 -32.62
C ILE A 132 13.21 -11.07 -33.43
N LYS A 133 12.02 -11.17 -32.84
CA LYS A 133 10.90 -11.82 -33.50
C LYS A 133 9.64 -10.96 -33.38
N TRP A 134 8.99 -10.73 -34.52
CA TRP A 134 7.69 -10.06 -34.56
C TRP A 134 6.65 -10.87 -33.81
N VAL A 135 5.88 -10.20 -32.95
CA VAL A 135 4.84 -10.84 -32.16
C VAL A 135 3.46 -10.33 -32.57
N SER A 136 3.24 -9.01 -32.46
CA SER A 136 1.94 -8.43 -32.76
C SER A 136 2.14 -6.99 -33.23
N CYS A 137 1.09 -6.46 -33.84
CA CYS A 137 0.96 -5.03 -34.14
C CYS A 137 -0.16 -4.53 -33.24
N VAL A 138 0.21 -3.84 -32.16
CA VAL A 138 -0.76 -3.47 -31.15
C VAL A 138 -1.62 -2.31 -31.66
N SER A 139 -2.92 -2.58 -31.79
CA SER A 139 -3.87 -1.59 -32.29
C SER A 139 -4.13 -0.57 -31.20
N LEU A 140 -3.94 0.71 -31.52
CA LEU A 140 -4.18 1.77 -30.56
C LEU A 140 -5.66 2.18 -30.55
N GLN A 141 -6.43 1.68 -31.52
CA GLN A 141 -7.86 1.96 -31.55
C GLN A 141 -8.60 1.25 -30.44
N ALA A 142 -8.02 0.20 -29.86
CA ALA A 142 -8.58 -0.44 -28.68
C ALA A 142 -8.56 0.51 -27.49
N LEU A 143 -7.44 1.18 -27.24
CA LEU A 143 -7.44 2.18 -26.17
C LEU A 143 -8.21 3.43 -26.55
N HIS A 144 -8.34 3.71 -27.86
CA HIS A 144 -9.18 4.83 -28.31
C HIS A 144 -10.65 4.59 -27.96
N ASP A 145 -11.13 3.37 -28.20
CA ASP A 145 -12.45 2.98 -27.78
C ASP A 145 -12.55 2.85 -26.26
N ALA A 146 -11.42 2.59 -25.58
CA ALA A 146 -11.43 2.52 -24.13
C ALA A 146 -11.64 3.89 -23.48
N LEU A 147 -10.89 4.91 -23.92
CA LEU A 147 -11.08 6.19 -23.21
C LEU A 147 -12.26 6.95 -23.79
N SER A 148 -12.73 6.59 -24.98
CA SER A 148 -13.90 7.26 -25.54
C SER A 148 -15.18 6.89 -24.80
N GLY A 149 -15.16 5.81 -24.01
CA GLY A 149 -16.30 5.38 -23.23
C GLY A 149 -17.10 4.25 -23.84
N ARG A 150 -16.77 3.83 -25.06
CA ARG A 150 -17.53 2.80 -25.75
C ARG A 150 -16.96 1.40 -25.52
N LEU A 151 -15.90 1.27 -24.73
CA LEU A 151 -15.42 -0.02 -24.27
C LEU A 151 -15.54 -0.10 -22.76
N PRO A 152 -15.89 -1.27 -22.20
CA PRO A 152 -16.10 -1.36 -20.74
C PRO A 152 -14.83 -1.32 -19.92
N SER A 153 -13.75 -1.91 -20.43
CA SER A 153 -12.52 -2.03 -19.66
C SER A 153 -11.32 -1.54 -20.46
N VAL A 154 -10.41 -0.85 -19.77
CA VAL A 154 -9.18 -0.31 -20.34
C VAL A 154 -8.12 -1.41 -20.39
N PRO A 155 -7.52 -1.67 -21.56
CA PRO A 155 -6.45 -2.69 -21.62
C PRO A 155 -5.17 -2.18 -20.96
N PHE A 156 -4.42 -3.10 -20.37
CA PHE A 156 -3.21 -2.73 -19.65
C PHE A 156 -1.94 -2.95 -20.45
N GLU A 157 -1.97 -3.85 -21.44
CA GLU A 157 -0.82 -4.06 -22.30
C GLU A 157 -0.53 -2.82 -23.14
N THR A 158 -1.58 -2.23 -23.69
CA THR A 158 -1.44 -0.99 -24.45
C THR A 158 -1.16 0.22 -23.56
N ILE A 159 -1.57 0.19 -22.28
CA ILE A 159 -1.22 1.29 -21.39
C ILE A 159 0.24 1.16 -20.96
N GLN A 160 0.75 -0.07 -20.92
CA GLN A 160 2.17 -0.26 -20.62
C GLN A 160 3.03 0.09 -21.82
N ALA A 161 2.50 -0.15 -23.03
CA ALA A 161 3.18 0.29 -24.23
C ALA A 161 3.24 1.81 -24.31
N LEU A 162 2.15 2.49 -23.95
CA LEU A 162 2.17 3.96 -23.92
C LEU A 162 3.07 4.49 -22.80
N ASP A 163 3.18 3.74 -21.70
CA ASP A 163 4.15 4.06 -20.66
C ASP A 163 5.57 3.94 -21.17
N VAL A 164 5.86 2.86 -21.91
CA VAL A 164 7.25 2.54 -22.19
C VAL A 164 7.70 3.17 -23.51
N VAL A 165 6.78 3.81 -24.23
CA VAL A 165 7.17 4.81 -25.23
C VAL A 165 8.04 5.90 -24.62
N MET A 166 7.72 6.31 -23.41
CA MET A 166 8.36 7.47 -22.80
C MET A 166 9.36 7.03 -21.72
N ARG A 167 9.76 5.75 -21.74
CA ARG A 167 10.80 5.21 -20.87
C ARG A 167 12.20 5.20 -21.48
N HIS A 168 12.34 4.84 -22.76
CA HIS A 168 13.62 4.33 -23.26
C HIS A 168 14.64 5.45 -23.49
N LEU A 169 14.20 6.60 -23.99
CA LEU A 169 15.09 7.77 -24.00
C LEU A 169 15.40 8.28 -22.58
N PRO A 170 14.46 8.34 -21.63
CA PRO A 170 14.90 8.57 -20.24
C PRO A 170 15.52 7.37 -19.56
N SER A 171 15.59 6.20 -20.20
CA SER A 171 16.27 5.06 -19.60
C SER A 171 17.79 5.23 -19.61
N MET A 172 18.32 5.92 -20.62
CA MET A 172 19.76 6.17 -20.67
C MET A 172 20.15 7.19 -19.60
N ARG A 173 19.37 8.26 -19.48
CA ARG A 173 19.71 9.29 -18.51
C ARG A 173 19.33 8.89 -17.09
N TYR A 174 18.23 8.16 -16.90
CA TYR A 174 17.83 7.71 -15.58
C TYR A 174 17.71 6.19 -15.62
N THR A 175 18.41 5.51 -14.73
CA THR A 175 18.45 4.05 -14.75
C THR A 175 17.17 3.44 -14.19
N PRO A 176 16.33 2.83 -15.03
CA PRO A 176 14.99 2.44 -14.57
C PRO A 176 14.93 1.06 -13.95
N VAL A 177 14.39 1.02 -12.74
CA VAL A 177 14.01 -0.23 -12.10
C VAL A 177 12.53 -0.15 -11.76
N GLY A 178 11.89 -1.32 -11.71
CA GLY A 178 10.46 -1.41 -11.44
C GLY A 178 9.64 -0.76 -12.53
N ARG A 179 8.81 0.20 -12.14
CA ARG A 179 8.14 1.07 -13.10
C ARG A 179 8.46 2.52 -12.75
N SER A 180 9.71 2.78 -12.37
CA SER A 180 10.14 4.08 -11.89
C SER A 180 11.34 4.55 -12.69
N PHE A 181 11.91 5.66 -12.24
CA PHE A 181 13.11 6.25 -12.80
C PHE A 181 13.98 6.73 -11.66
N PHE A 182 15.30 6.67 -11.88
CA PHE A 182 16.30 6.93 -10.84
C PHE A 182 17.22 7.99 -11.42
N THR A 183 17.06 9.24 -10.98
CA THR A 183 17.69 10.35 -11.70
C THR A 183 19.20 10.41 -11.43
N ALA A 184 19.91 11.06 -12.34
CA ALA A 184 21.33 11.29 -12.14
C ALA A 184 21.53 12.67 -11.54
N SER A 185 22.74 12.91 -11.03
CA SER A 185 23.06 14.21 -10.48
C SER A 185 23.26 15.22 -11.60
N GLU A 186 22.21 15.99 -11.89
CA GLU A 186 22.22 16.97 -12.96
C GLU A 186 22.89 18.26 -12.48
N GLY A 187 24.22 18.19 -12.37
CA GLY A 187 24.99 19.30 -11.87
C GLY A 187 25.04 19.43 -10.36
N CYS A 188 24.42 18.51 -9.63
CA CYS A 188 24.38 18.56 -8.18
C CYS A 188 25.28 17.47 -7.59
N SER A 189 25.24 17.33 -6.26
CA SER A 189 25.97 16.30 -5.55
C SER A 189 25.30 16.06 -4.22
N ASN A 190 25.44 14.84 -3.69
CA ASN A 190 24.91 14.50 -2.37
C ASN A 190 25.80 13.43 -1.72
N PRO A 191 26.39 13.74 -0.58
CA PRO A 191 26.93 12.69 0.31
C PRO A 191 25.96 12.34 1.42
N LEU A 192 25.97 11.07 1.81
CA LEU A 192 25.21 10.67 3.00
C LEU A 192 26.04 9.86 3.97
N GLY A 193 27.02 9.10 3.50
CA GLY A 193 27.85 8.29 4.34
C GLY A 193 27.47 6.82 4.30
N GLY A 194 28.47 5.96 4.48
CA GLY A 194 28.26 4.53 4.48
C GLY A 194 28.02 3.92 3.11
N GLY A 195 28.37 4.62 2.04
CA GLY A 195 28.16 4.10 0.69
C GLY A 195 26.78 4.32 0.14
N ARG A 196 26.04 5.30 0.64
CA ARG A 196 24.66 5.54 0.24
C ARG A 196 24.50 6.94 -0.34
N GLU A 197 23.73 7.02 -1.43
CA GLU A 197 23.36 8.30 -2.02
C GLU A 197 21.91 8.21 -2.47
N VAL A 198 21.26 9.37 -2.53
CA VAL A 198 19.85 9.46 -2.91
C VAL A 198 19.77 9.82 -4.40
N TRP A 199 18.97 9.06 -5.14
CA TRP A 199 18.81 9.25 -6.57
C TRP A 199 17.35 9.64 -6.83
N PHE A 200 17.08 10.93 -6.92
CA PHE A 200 15.75 11.49 -6.72
C PHE A 200 14.95 11.49 -8.02
N GLY A 201 14.73 10.30 -8.56
CA GLY A 201 13.99 10.20 -9.81
C GLY A 201 12.48 10.27 -9.64
N PHE A 202 11.74 9.52 -10.46
CA PHE A 202 10.29 9.68 -10.39
C PHE A 202 9.59 8.42 -10.84
N HIS A 203 8.42 8.17 -10.25
CA HIS A 203 7.53 7.08 -10.65
C HIS A 203 6.72 7.54 -11.84
N GLN A 204 7.06 7.04 -13.02
CA GLN A 204 6.37 7.41 -14.25
C GLN A 204 5.26 6.40 -14.54
N SER A 205 4.06 6.90 -14.81
CA SER A 205 2.91 6.05 -15.08
C SER A 205 1.97 6.79 -16.01
N VAL A 206 1.05 6.06 -16.61
CA VAL A 206 -0.01 6.65 -17.42
C VAL A 206 -1.33 5.94 -17.09
N ARG A 207 -2.39 6.73 -16.92
CA ARG A 207 -3.70 6.28 -16.45
C ARG A 207 -4.77 6.73 -17.42
N PRO A 208 -5.84 5.96 -17.60
CA PRO A 208 -6.87 6.32 -18.58
C PRO A 208 -7.80 7.41 -18.05
N SER A 209 -8.54 8.02 -18.96
CA SER A 209 -9.44 9.15 -18.63
C SER A 209 -10.55 9.20 -19.68
N LEU A 210 -11.22 10.36 -19.75
CA LEU A 210 -12.17 10.65 -20.81
C LEU A 210 -11.49 11.17 -22.07
N TRP A 211 -10.82 12.33 -21.97
CA TRP A 211 -10.39 13.06 -23.16
C TRP A 211 -9.05 12.54 -23.69
N LYS A 212 -8.03 12.55 -22.85
CA LYS A 212 -6.70 12.11 -23.22
C LYS A 212 -6.27 11.01 -22.25
N MET A 213 -5.28 10.21 -22.66
CA MET A 213 -4.65 9.29 -21.70
C MET A 213 -3.49 10.03 -21.05
N MET A 214 -3.87 10.87 -20.09
CA MET A 214 -2.98 11.88 -19.56
C MET A 214 -1.92 11.23 -18.66
N LEU A 215 -0.71 11.80 -18.70
CA LEU A 215 0.42 11.20 -18.00
C LEU A 215 0.29 11.40 -16.50
N ASN A 216 0.99 10.54 -15.75
CA ASN A 216 0.92 10.53 -14.29
C ASN A 216 2.34 10.52 -13.78
N ILE A 217 2.82 11.66 -13.29
CA ILE A 217 4.18 11.78 -12.79
C ILE A 217 4.13 12.00 -11.29
N ASP A 218 4.85 11.16 -10.55
CA ASP A 218 5.03 11.36 -9.12
C ASP A 218 6.50 11.16 -8.79
N VAL A 219 6.99 11.98 -7.86
CA VAL A 219 8.38 11.89 -7.42
C VAL A 219 8.56 10.62 -6.61
N SER A 220 9.75 10.02 -6.73
CA SER A 220 10.03 8.74 -6.10
C SER A 220 11.10 8.87 -5.02
N ALA A 221 12.29 9.37 -5.39
CA ALA A 221 13.37 9.78 -4.48
C ALA A 221 13.84 8.63 -3.59
N THR A 222 14.47 7.65 -4.21
CA THR A 222 14.95 6.46 -3.50
C THR A 222 16.45 6.57 -3.27
N ALA A 223 17.04 5.51 -2.74
CA ALA A 223 18.47 5.43 -2.49
C ALA A 223 19.19 4.70 -3.63
N PHE A 224 20.50 4.89 -3.68
CA PHE A 224 21.31 4.27 -4.74
C PHE A 224 22.72 4.04 -4.22
N TYR A 225 23.40 3.08 -4.85
CA TYR A 225 24.75 2.68 -4.50
C TYR A 225 25.80 3.29 -5.43
N LYS A 226 25.51 4.48 -5.99
CA LYS A 226 26.41 5.30 -6.79
C LYS A 226 26.95 4.64 -8.05
N ALA A 227 27.90 5.30 -8.72
CA ALA A 227 28.50 4.81 -9.95
C ALA A 227 30.00 5.08 -9.96
N GLN A 228 30.66 4.84 -8.83
CA GLN A 228 32.05 5.19 -8.64
C GLN A 228 32.86 3.97 -8.16
N PRO A 229 34.15 3.87 -8.52
CA PRO A 229 34.89 2.60 -8.37
C PRO A 229 35.11 2.16 -6.93
N VAL A 230 35.62 0.93 -6.80
CA VAL A 230 35.61 0.23 -5.52
C VAL A 230 36.73 0.67 -4.58
N ILE A 231 37.68 1.48 -5.05
CA ILE A 231 38.72 2.02 -4.18
C ILE A 231 38.12 2.97 -3.16
N GLU A 232 37.28 3.90 -3.63
CA GLU A 232 36.59 4.79 -2.70
C GLU A 232 35.50 4.05 -1.92
N PHE A 233 34.98 2.94 -2.46
CA PHE A 233 34.06 2.10 -1.71
C PHE A 233 34.74 1.45 -0.50
N VAL A 234 35.96 0.91 -0.69
CA VAL A 234 36.65 0.34 0.46
C VAL A 234 37.23 1.45 1.34
N CYS A 235 37.35 2.67 0.79
CA CYS A 235 37.69 3.81 1.62
C CYS A 235 36.54 4.21 2.55
N GLU A 236 35.30 4.18 2.07
CA GLU A 236 34.20 4.79 2.82
C GLU A 236 33.27 3.78 3.50
N VAL A 237 33.12 2.56 2.97
CA VAL A 237 32.16 1.63 3.56
C VAL A 237 32.80 0.90 4.74
N LEU A 238 34.02 0.41 4.56
CA LEU A 238 34.76 -0.23 5.64
C LEU A 238 35.47 0.77 6.55
N ASP A 239 35.40 2.06 6.21
CA ASP A 239 36.03 3.18 6.92
C ASP A 239 37.55 3.03 7.01
N PHE A 240 38.16 2.36 6.04
CA PHE A 240 39.60 2.15 5.96
C PHE A 240 40.08 2.81 4.67
N LYS A 241 40.43 4.09 4.78
CA LYS A 241 40.83 4.84 3.59
C LYS A 241 42.22 4.43 3.12
N SER A 242 43.09 4.03 4.04
CA SER A 242 44.43 3.58 3.71
C SER A 242 44.68 2.21 4.33
N ILE A 243 45.31 1.32 3.57
CA ILE A 243 45.71 0.02 4.08
C ILE A 243 47.13 0.03 4.63
N GLU A 244 47.87 1.11 4.42
CA GLU A 244 49.25 1.20 4.90
C GLU A 244 49.29 1.35 6.42
N GLU A 245 48.29 1.99 7.01
CA GLU A 245 48.23 2.11 8.46
C GLU A 245 47.83 0.79 9.11
N GLN A 246 47.04 -0.02 8.40
CA GLN A 246 46.69 -1.36 8.87
C GLN A 246 47.74 -2.35 8.35
N GLN A 247 48.89 -2.35 9.03
CA GLN A 247 49.97 -3.25 8.66
C GLN A 247 49.64 -4.69 9.03
N LYS A 248 49.13 -4.90 10.24
CA LYS A 248 48.71 -6.23 10.66
C LYS A 248 47.32 -6.52 10.13
N PRO A 249 47.10 -7.64 9.45
CA PRO A 249 45.76 -7.94 8.93
C PRO A 249 44.78 -8.29 10.04
N LEU A 250 43.50 -8.07 9.76
CA LEU A 250 42.44 -8.34 10.73
C LEU A 250 42.05 -9.81 10.70
N THR A 251 40.94 -10.14 11.34
CA THR A 251 40.47 -11.51 11.45
C THR A 251 39.69 -11.91 10.19
N ASP A 252 38.95 -13.02 10.26
CA ASP A 252 38.19 -13.50 9.11
C ASP A 252 36.89 -12.71 8.90
N SER A 253 36.52 -11.85 9.85
CA SER A 253 35.24 -11.15 9.77
C SER A 253 35.19 -10.17 8.62
N GLN A 254 36.31 -9.48 8.34
CA GLN A 254 36.36 -8.58 7.21
C GLN A 254 36.33 -9.35 5.89
N ARG A 255 36.89 -10.57 5.87
CA ARG A 255 36.82 -11.42 4.68
C ARG A 255 35.38 -11.89 4.43
N VAL A 256 34.66 -12.26 5.48
CA VAL A 256 33.27 -12.69 5.32
C VAL A 256 32.38 -11.51 4.93
N LYS A 257 32.65 -10.32 5.48
CA LYS A 257 31.91 -9.13 5.08
C LYS A 257 32.24 -8.70 3.65
N PHE A 258 33.49 -8.94 3.22
CA PHE A 258 33.88 -8.75 1.82
C PHE A 258 33.09 -9.69 0.92
N THR A 259 32.90 -10.93 1.36
CA THR A 259 32.11 -11.91 0.61
C THR A 259 30.64 -11.52 0.55
N LYS A 260 30.12 -10.91 1.63
CA LYS A 260 28.74 -10.42 1.61
C LYS A 260 28.57 -9.25 0.65
N GLU A 261 29.42 -8.22 0.77
CA GLU A 261 29.14 -6.96 0.11
C GLU A 261 29.69 -6.88 -1.32
N ILE A 262 30.93 -7.35 -1.53
CA ILE A 262 31.59 -7.13 -2.82
C ILE A 262 30.99 -8.01 -3.91
N LYS A 263 30.59 -9.23 -3.55
CA LYS A 263 29.98 -10.14 -4.52
C LYS A 263 28.57 -9.66 -4.89
N GLY A 264 28.30 -9.63 -6.20
CA GLY A 264 27.01 -9.23 -6.70
C GLY A 264 26.94 -7.82 -7.27
N LEU A 265 28.04 -7.09 -7.28
CA LEU A 265 28.09 -5.74 -7.84
C LEU A 265 28.95 -5.79 -9.10
N LYS A 266 28.38 -5.36 -10.22
CA LYS A 266 29.05 -5.51 -11.50
C LYS A 266 30.14 -4.46 -11.69
N VAL A 267 31.33 -4.91 -12.10
CA VAL A 267 32.44 -4.03 -12.41
C VAL A 267 32.78 -4.16 -13.90
N GLU A 268 33.71 -3.34 -14.37
CA GLU A 268 34.12 -3.37 -15.77
C GLU A 268 35.58 -2.93 -15.87
N ILE A 269 36.18 -3.17 -17.03
CA ILE A 269 37.57 -2.83 -17.28
C ILE A 269 37.65 -1.47 -17.97
N THR A 270 38.79 -0.81 -17.83
CA THR A 270 39.01 0.49 -18.52
C THR A 270 40.46 0.52 -18.96
N HIS A 271 41.15 -0.62 -18.84
CA HIS A 271 42.60 -0.67 -19.16
C HIS A 271 42.80 -1.37 -20.50
N CYS A 272 41.94 -1.06 -21.48
CA CYS A 272 42.07 -1.67 -22.83
C CYS A 272 41.79 -0.62 -23.91
N GLY A 273 42.08 0.66 -23.62
CA GLY A 273 41.94 1.68 -24.64
C GLY A 273 40.49 1.91 -25.01
N GLN A 274 40.24 2.03 -26.32
CA GLN A 274 38.89 2.25 -26.83
C GLN A 274 38.02 0.99 -26.75
N MET A 275 38.62 -0.18 -26.62
CA MET A 275 37.89 -1.44 -26.50
C MET A 275 37.42 -1.58 -25.07
N LYS A 276 36.10 -1.58 -24.89
CA LYS A 276 35.46 -1.67 -23.58
C LYS A 276 34.44 -2.79 -23.55
N ARG A 277 34.19 -3.32 -22.35
CA ARG A 277 33.17 -4.33 -22.14
C ARG A 277 32.71 -4.30 -20.70
N LYS A 278 31.61 -4.98 -20.44
CA LYS A 278 31.00 -5.06 -19.12
C LYS A 278 31.08 -6.50 -18.61
N TYR A 279 31.52 -6.67 -17.36
CA TYR A 279 31.75 -7.97 -16.77
C TYR A 279 30.70 -8.28 -15.70
N ARG A 280 30.64 -9.56 -15.34
CA ARG A 280 29.68 -10.07 -14.37
C ARG A 280 30.44 -10.66 -13.18
N VAL A 281 29.96 -10.37 -11.98
CA VAL A 281 30.63 -10.73 -10.74
C VAL A 281 29.83 -11.84 -10.05
N CYS A 282 30.50 -12.95 -9.76
CA CYS A 282 29.89 -14.06 -9.03
C CYS A 282 30.79 -14.70 -7.98
N ASN A 283 32.05 -14.29 -7.85
CA ASN A 283 32.97 -14.89 -6.90
C ASN A 283 33.90 -13.84 -6.34
N VAL A 284 34.43 -14.11 -5.15
CA VAL A 284 35.42 -13.23 -4.51
C VAL A 284 36.73 -13.97 -4.29
N LEU A 328 39.21 -9.92 -5.98
CA LEU A 328 37.88 -10.12 -6.51
C LEU A 328 37.93 -10.98 -7.77
N GLN A 329 37.37 -12.18 -7.68
CA GLN A 329 37.47 -13.18 -8.74
C GLN A 329 36.29 -12.98 -9.69
N VAL A 330 36.48 -12.08 -10.66
CA VAL A 330 35.39 -11.68 -11.55
C VAL A 330 35.08 -12.81 -12.53
N GLY A 331 33.80 -13.16 -12.62
CA GLY A 331 33.39 -14.20 -13.54
C GLY A 331 33.84 -15.58 -13.08
N GLN A 332 34.09 -16.44 -14.06
CA GLN A 332 34.56 -17.79 -13.77
C GLN A 332 36.03 -17.76 -13.37
N GLU A 333 36.47 -18.86 -12.77
CA GLU A 333 37.87 -19.04 -12.41
C GLU A 333 38.71 -19.60 -13.55
N GLN A 334 38.09 -20.03 -14.63
CA GLN A 334 38.79 -20.65 -15.74
C GLN A 334 39.21 -19.65 -16.82
N LYS A 335 38.78 -18.40 -16.72
CA LYS A 335 39.16 -17.37 -17.68
C LYS A 335 40.52 -16.80 -17.31
N HIS A 336 40.99 -15.84 -18.10
CA HIS A 336 42.26 -15.18 -17.84
C HIS A 336 42.08 -13.72 -17.44
N THR A 337 40.85 -13.29 -17.21
CA THR A 337 40.56 -11.90 -16.84
C THR A 337 40.16 -11.87 -15.37
N TYR A 338 41.14 -11.58 -14.52
CA TYR A 338 40.91 -11.35 -13.09
C TYR A 338 41.23 -9.90 -12.77
N LEU A 339 40.33 -9.23 -12.06
CA LEU A 339 40.42 -7.81 -11.78
C LEU A 339 40.66 -7.57 -10.29
N PRO A 340 41.79 -7.00 -9.89
CA PRO A 340 41.94 -6.58 -8.49
C PRO A 340 41.16 -5.32 -8.17
N LEU A 341 41.33 -4.80 -6.95
CA LEU A 341 40.55 -3.65 -6.50
C LEU A 341 40.98 -2.34 -7.15
N GLU A 342 42.17 -2.28 -7.74
CA GLU A 342 42.67 -1.04 -8.31
C GLU A 342 42.23 -0.79 -9.74
N VAL A 343 41.58 -1.77 -10.39
CA VAL A 343 41.15 -1.63 -11.78
C VAL A 343 39.65 -1.78 -11.97
N CYS A 344 38.90 -2.07 -10.91
CA CYS A 344 37.46 -2.27 -11.06
C CYS A 344 36.74 -0.93 -11.19
N ASN A 345 35.79 -0.87 -12.12
CA ASN A 345 34.97 0.32 -12.33
C ASN A 345 33.51 -0.09 -12.37
N ILE A 346 32.71 0.46 -11.46
CA ILE A 346 31.30 0.09 -11.33
C ILE A 346 30.46 1.02 -12.19
N VAL A 347 29.68 0.43 -13.11
CA VAL A 347 28.80 1.18 -13.99
C VAL A 347 27.47 1.34 -13.24
N ALA A 348 26.74 2.42 -13.51
CA ALA A 348 25.49 2.73 -12.83
C ALA A 348 24.40 1.71 -13.15
N GLY A 349 23.40 1.66 -12.27
CA GLY A 349 22.36 0.66 -12.34
C GLY A 349 22.36 -0.35 -11.21
N GLN A 350 23.15 -0.12 -10.16
CA GLN A 350 23.30 -1.08 -9.07
C GLN A 350 22.72 -0.50 -7.79
N ARG A 351 21.72 -1.19 -7.23
CA ARG A 351 21.09 -0.87 -5.95
C ARG A 351 20.41 -2.15 -5.46
N CYS A 352 19.65 -2.07 -4.35
CA CYS A 352 18.71 -3.02 -3.78
C CYS A 352 19.45 -4.15 -3.02
N ILE A 353 20.76 -4.21 -3.09
CA ILE A 353 21.54 -5.20 -2.35
C ILE A 353 22.22 -4.45 -1.21
N LYS A 354 21.53 -3.41 -0.71
CA LYS A 354 22.06 -2.51 0.30
C LYS A 354 22.25 -3.21 1.64
N LYS A 355 23.18 -2.68 2.43
CA LYS A 355 23.37 -3.15 3.82
C LYS A 355 23.91 -1.96 4.62
N LEU A 356 23.02 -1.31 5.37
CA LEU A 356 23.39 -0.21 6.26
C LEU A 356 22.32 -0.11 7.33
N THR A 357 22.63 0.66 8.38
CA THR A 357 21.68 0.94 9.43
C THR A 357 20.56 1.86 8.92
N ASP A 358 19.43 1.83 9.64
CA ASP A 358 18.19 2.40 9.12
C ASP A 358 18.04 3.89 9.36
N ASN A 359 19.01 4.54 10.02
CA ASN A 359 18.91 5.99 10.20
C ASN A 359 19.16 6.73 8.89
N GLN A 360 20.03 6.18 8.04
CA GLN A 360 20.19 6.70 6.69
C GLN A 360 18.93 6.51 5.87
N THR A 361 18.23 5.39 6.08
CA THR A 361 16.93 5.16 5.45
C THR A 361 15.90 6.17 5.94
N SER A 362 15.92 6.51 7.23
CA SER A 362 14.96 7.47 7.78
C SER A 362 15.21 8.89 7.27
N THR A 363 16.48 9.31 7.20
CA THR A 363 16.73 10.64 6.64
C THR A 363 16.58 10.65 5.12
N MET A 364 16.67 9.49 4.47
CA MET A 364 16.36 9.39 3.05
C MET A 364 14.86 9.51 2.83
N ILE A 365 14.07 8.97 3.76
CA ILE A 365 12.61 9.16 3.80
C ILE A 365 12.27 10.63 4.01
N ARG A 366 13.04 11.32 4.86
CA ARG A 366 12.89 12.76 5.04
C ARG A 366 13.21 13.49 3.73
N ALA A 367 14.18 12.98 2.96
CA ALA A 367 14.53 13.60 1.68
C ALA A 367 13.45 13.43 0.61
N THR A 368 12.49 12.53 0.82
CA THR A 368 11.31 12.44 -0.03
C THR A 368 10.11 13.19 0.54
N ALA A 369 10.08 13.39 1.87
CA ALA A 369 8.93 13.94 2.58
C ALA A 369 8.80 15.42 2.26
N ARG A 370 7.93 15.72 1.29
CA ARG A 370 7.78 17.07 0.75
C ARG A 370 6.31 17.45 0.81
N SER A 371 6.04 18.72 1.10
CA SER A 371 4.67 19.20 1.23
C SER A 371 4.02 19.30 -0.16
N ALA A 372 2.69 19.41 -0.15
CA ALA A 372 1.91 19.47 -1.38
C ALA A 372 2.19 20.67 -2.28
N PRO A 373 2.35 21.93 -1.78
CA PRO A 373 2.88 22.96 -2.68
C PRO A 373 4.31 22.70 -3.12
N ASP A 374 5.11 22.06 -2.26
CA ASP A 374 6.47 21.73 -2.62
C ASP A 374 6.45 20.60 -3.64
N ARG A 375 5.47 19.68 -3.53
CA ARG A 375 5.29 18.65 -4.53
C ARG A 375 4.82 19.24 -5.87
N GLN A 376 4.00 20.28 -5.81
CA GLN A 376 3.59 21.01 -7.01
C GLN A 376 4.78 21.63 -7.72
N GLU A 377 5.65 22.29 -6.95
CA GLU A 377 6.84 22.91 -7.53
C GLU A 377 7.82 21.86 -8.04
N GLU A 378 7.92 20.71 -7.36
CA GLU A 378 8.86 19.68 -7.78
C GLU A 378 8.42 18.97 -9.05
N ILE A 379 7.13 18.62 -9.15
CA ILE A 379 6.65 17.99 -10.38
C ILE A 379 6.56 19.01 -11.52
N SER A 380 6.34 20.28 -11.22
CA SER A 380 6.38 21.31 -12.26
C SER A 380 7.81 21.54 -12.76
N LYS A 381 8.78 21.54 -11.85
CA LYS A 381 10.19 21.63 -12.20
C LYS A 381 10.64 20.41 -12.99
N LEU A 382 10.12 19.22 -12.65
CA LEU A 382 10.45 18.01 -13.39
C LEU A 382 9.82 18.04 -14.78
N MET A 383 8.62 18.58 -14.90
CA MET A 383 7.96 18.67 -16.21
C MET A 383 8.62 19.74 -17.07
N ARG A 384 9.24 20.75 -16.46
CA ARG A 384 10.00 21.74 -17.21
C ARG A 384 11.38 21.21 -17.63
N SER A 385 12.10 20.61 -16.69
CA SER A 385 13.51 20.32 -16.91
C SER A 385 13.72 19.07 -17.76
N ALA A 386 12.88 18.05 -17.57
CA ALA A 386 13.02 16.84 -18.38
C ALA A 386 12.59 17.09 -19.82
N SER A 387 11.55 17.93 -20.00
CA SER A 387 11.13 18.49 -21.29
C SER A 387 10.75 17.41 -22.29
N PHE A 388 9.69 16.69 -21.98
CA PHE A 388 9.28 15.55 -22.78
C PHE A 388 8.77 15.92 -24.17
N ASN A 389 8.41 17.19 -24.40
CA ASN A 389 8.15 17.64 -25.76
C ASN A 389 9.45 17.79 -26.54
N THR A 390 10.52 18.20 -25.86
CA THR A 390 11.85 18.35 -26.44
C THR A 390 12.57 17.00 -26.56
N ASP A 391 12.00 15.94 -25.96
CA ASP A 391 12.48 14.56 -26.11
C ASP A 391 12.39 14.15 -27.57
N PRO A 392 13.49 13.69 -28.19
CA PRO A 392 13.50 13.51 -29.65
C PRO A 392 12.70 12.31 -30.12
N TYR A 393 12.84 11.17 -29.46
CA TYR A 393 12.21 9.96 -29.98
C TYR A 393 10.73 9.93 -29.62
N VAL A 394 10.36 10.64 -28.56
CA VAL A 394 8.96 10.76 -28.15
C VAL A 394 8.19 11.59 -29.16
N ARG A 395 8.74 12.74 -29.57
CA ARG A 395 8.09 13.55 -30.58
C ARG A 395 8.25 12.94 -31.97
N GLU A 396 9.22 12.05 -32.15
CA GLU A 396 9.26 11.24 -33.36
C GLU A 396 8.19 10.17 -33.32
N PHE A 397 7.82 9.70 -32.13
CA PHE A 397 6.78 8.69 -31.97
C PHE A 397 5.37 9.24 -32.11
N GLY A 398 5.21 10.54 -32.38
CA GLY A 398 3.90 11.13 -32.46
C GLY A 398 3.31 11.57 -31.14
N ILE A 399 4.09 11.54 -30.07
CA ILE A 399 3.61 11.86 -28.73
C ILE A 399 4.12 13.24 -28.35
N MET A 400 3.19 14.13 -27.99
CA MET A 400 3.53 15.39 -27.37
C MET A 400 2.65 15.58 -26.15
N VAL A 401 3.20 16.24 -25.14
CA VAL A 401 2.52 16.46 -23.87
C VAL A 401 2.17 17.93 -23.72
N LYS A 402 1.37 18.23 -22.70
CA LYS A 402 1.11 19.60 -22.28
C LYS A 402 1.66 19.70 -20.87
N ASP A 403 2.62 20.62 -20.70
CA ASP A 403 3.38 20.72 -19.45
C ASP A 403 2.47 21.25 -18.33
N GLU A 404 1.45 22.05 -18.70
CA GLU A 404 0.58 22.70 -17.73
C GLU A 404 -0.27 21.69 -16.96
N MET A 405 -0.51 22.00 -15.68
CA MET A 405 -1.35 21.16 -14.84
C MET A 405 -2.80 21.22 -15.32
N THR A 406 -3.49 20.10 -15.19
CA THR A 406 -4.79 19.92 -15.80
C THR A 406 -5.89 20.66 -15.03
N ASP A 407 -7.08 20.67 -15.62
CA ASP A 407 -8.28 21.18 -14.98
C ASP A 407 -9.26 20.02 -14.82
N VAL A 408 -9.53 19.62 -13.58
CA VAL A 408 -10.40 18.50 -13.30
C VAL A 408 -11.55 18.96 -12.39
N THR A 409 -12.75 18.48 -12.67
CA THR A 409 -13.96 18.92 -11.99
C THR A 409 -14.28 17.92 -10.86
N GLY A 410 -14.33 18.44 -9.63
CA GLY A 410 -14.53 17.60 -8.46
C GLY A 410 -15.73 17.98 -7.64
N ARG A 411 -15.85 17.41 -6.44
CA ARG A 411 -17.08 17.55 -5.64
C ARG A 411 -16.71 17.51 -4.16
N VAL A 412 -16.51 18.68 -3.57
CA VAL A 412 -16.21 18.78 -2.14
C VAL A 412 -17.50 18.55 -1.35
N LEU A 413 -17.39 17.83 -0.24
CA LEU A 413 -18.54 17.34 0.48
C LEU A 413 -18.65 17.99 1.86
N GLN A 414 -19.88 18.26 2.28
CA GLN A 414 -20.18 18.72 3.63
C GLN A 414 -19.95 17.57 4.60
N PRO A 415 -19.03 17.71 5.56
CA PRO A 415 -18.80 16.62 6.50
C PRO A 415 -19.98 16.46 7.45
N PRO A 416 -20.49 15.23 7.60
CA PRO A 416 -21.79 15.04 8.24
C PRO A 416 -21.75 15.21 9.74
N SER A 417 -22.77 15.89 10.25
CA SER A 417 -22.91 16.10 11.68
C SER A 417 -23.27 14.78 12.35
N ILE A 418 -22.56 14.46 13.43
CA ILE A 418 -22.76 13.20 14.13
C ILE A 418 -23.52 13.47 15.42
N LEU A 419 -24.20 12.44 15.90
CA LEU A 419 -24.89 12.50 17.18
C LEU A 419 -24.16 11.61 18.17
N TYR A 420 -23.89 12.15 19.35
CA TYR A 420 -23.38 11.38 20.46
C TYR A 420 -24.49 11.38 21.52
N GLY A 421 -24.64 10.29 22.23
CA GLY A 421 -25.76 10.16 23.14
C GLY A 421 -25.53 10.79 24.50
N GLY A 422 -25.75 10.02 25.55
CA GLY A 422 -25.46 10.49 26.89
C GLY A 422 -26.51 11.42 27.46
N ARG A 423 -26.08 12.32 28.35
CA ARG A 423 -27.01 13.23 29.02
C ARG A 423 -27.53 14.32 28.09
N ASN A 424 -26.67 14.90 27.26
CA ASN A 424 -27.03 16.04 26.43
C ASN A 424 -27.72 15.65 25.13
N LYS A 425 -27.20 14.61 24.45
CA LYS A 425 -27.65 14.15 23.13
C LYS A 425 -27.64 15.28 22.10
N ALA A 426 -26.55 16.05 22.11
CA ALA A 426 -26.41 17.16 21.18
C ALA A 426 -25.47 16.77 20.04
N ILE A 427 -25.23 17.73 19.14
CA ILE A 427 -24.65 17.47 17.84
C ILE A 427 -23.27 18.11 17.76
N ALA A 428 -22.33 17.39 17.13
CA ALA A 428 -21.02 17.94 16.81
C ALA A 428 -20.77 17.76 15.33
N THR A 429 -20.24 18.81 14.68
CA THR A 429 -19.98 18.80 13.25
C THR A 429 -18.47 18.73 12.99
N PRO A 430 -18.03 18.15 11.88
CA PRO A 430 -16.58 18.08 11.63
C PRO A 430 -16.07 19.31 10.90
N VAL A 431 -14.90 19.77 11.32
CA VAL A 431 -14.20 20.86 10.63
C VAL A 431 -13.30 20.26 9.56
N GLN A 432 -13.92 19.99 8.41
CA GLN A 432 -13.32 19.38 7.21
C GLN A 432 -12.69 18.03 7.52
N GLY A 433 -13.53 17.10 7.97
CA GLY A 433 -13.13 15.73 8.19
C GLY A 433 -12.64 15.40 9.59
N VAL A 434 -12.39 16.40 10.44
CA VAL A 434 -11.87 16.19 11.78
C VAL A 434 -12.84 16.81 12.78
N TRP A 435 -13.14 16.09 13.85
CA TRP A 435 -13.89 16.66 14.97
C TRP A 435 -13.44 15.99 16.26
N ASP A 436 -13.57 16.73 17.35
CA ASP A 436 -13.30 16.15 18.66
C ASP A 436 -14.60 16.14 19.46
N MET A 437 -14.71 15.16 20.36
CA MET A 437 -15.89 15.05 21.20
C MET A 437 -15.99 16.22 22.18
N ARG A 438 -14.88 16.49 22.90
CA ARG A 438 -14.71 17.63 23.82
C ARG A 438 -15.77 17.62 24.93
N ASN A 439 -15.67 16.60 25.79
CA ASN A 439 -16.55 16.37 26.94
C ASN A 439 -18.02 16.23 26.52
N LYS A 440 -18.25 15.42 25.49
CA LYS A 440 -19.59 15.09 25.03
C LYS A 440 -19.75 13.58 25.15
N GLN A 441 -20.82 13.16 25.84
CA GLN A 441 -20.99 11.76 26.19
C GLN A 441 -21.52 10.95 25.00
N PHE A 442 -21.05 9.71 24.88
CA PHE A 442 -21.41 8.89 23.73
C PHE A 442 -22.74 8.19 23.94
N HIS A 443 -23.04 7.23 23.08
CA HIS A 443 -24.38 6.67 22.99
C HIS A 443 -24.66 5.66 24.10
N THR A 444 -23.94 4.53 24.08
CA THR A 444 -24.17 3.45 25.06
C THR A 444 -22.86 3.21 25.81
N GLY A 445 -22.74 3.77 27.01
CA GLY A 445 -21.70 3.35 27.90
C GLY A 445 -22.00 1.97 28.46
N ILE A 446 -20.95 1.27 28.89
CA ILE A 446 -21.05 -0.10 29.33
C ILE A 446 -20.61 -0.19 30.78
N GLU A 447 -21.44 -0.84 31.60
CA GLU A 447 -21.14 -1.04 33.01
C GLU A 447 -19.98 -2.02 33.18
N ILE A 448 -18.78 -1.50 33.37
CA ILE A 448 -17.60 -2.33 33.55
C ILE A 448 -17.42 -2.56 35.05
N LYS A 449 -17.62 -3.80 35.50
CA LYS A 449 -17.60 -4.11 36.92
C LYS A 449 -16.28 -4.74 37.37
N VAL A 450 -15.93 -5.89 36.81
CA VAL A 450 -14.68 -6.57 37.12
C VAL A 450 -13.88 -6.76 35.83
N TRP A 451 -12.59 -6.48 35.91
CA TRP A 451 -11.68 -6.56 34.79
C TRP A 451 -10.27 -6.72 35.35
N ALA A 452 -9.32 -7.09 34.49
CA ALA A 452 -8.00 -7.47 34.95
C ALA A 452 -6.89 -6.91 34.07
N ILE A 453 -5.69 -6.88 34.65
CA ILE A 453 -4.48 -6.42 33.97
C ILE A 453 -3.50 -7.59 33.97
N ALA A 454 -3.03 -7.99 32.79
CA ALA A 454 -2.09 -9.09 32.67
C ALA A 454 -0.91 -8.62 31.83
N CYS A 455 0.05 -7.93 32.46
CA CYS A 455 1.14 -7.32 31.71
C CYS A 455 2.13 -8.40 31.27
N PHE A 456 2.23 -8.59 29.96
CA PHE A 456 3.11 -9.59 29.38
C PHE A 456 4.38 -8.96 28.81
N ALA A 457 4.62 -7.72 29.11
CA ALA A 457 5.92 -7.07 29.03
C ALA A 457 6.71 -7.45 30.27
N PRO A 458 8.07 -7.29 30.28
CA PRO A 458 8.81 -7.46 31.53
C PRO A 458 8.42 -6.44 32.59
N GLN A 459 8.67 -6.79 33.86
CA GLN A 459 8.02 -6.14 34.99
C GLN A 459 8.49 -4.70 35.20
N ARG A 460 9.71 -4.37 34.74
CA ARG A 460 10.25 -3.02 34.85
C ARG A 460 9.53 -2.03 33.96
N GLN A 461 8.89 -2.50 32.87
CA GLN A 461 8.24 -1.59 31.93
C GLN A 461 6.86 -1.17 32.42
N CYS A 462 5.94 -2.13 32.59
CA CYS A 462 4.65 -1.84 33.19
C CYS A 462 4.83 -1.64 34.69
N THR A 463 4.76 -0.40 35.15
CA THR A 463 5.02 -0.12 36.55
C THR A 463 3.75 0.30 37.26
N GLU A 464 3.77 0.17 38.59
CA GLU A 464 2.55 0.08 39.37
C GLU A 464 1.81 1.42 39.46
N VAL A 465 2.52 2.47 39.88
CA VAL A 465 1.87 3.77 40.07
C VAL A 465 1.50 4.39 38.73
N HIS A 466 2.29 4.10 37.68
CA HIS A 466 1.94 4.61 36.36
C HIS A 466 0.76 3.84 35.77
N LEU A 467 0.65 2.55 36.08
CA LEU A 467 -0.55 1.81 35.69
C LEU A 467 -1.78 2.30 36.45
N LYS A 468 -1.61 2.68 37.72
CA LYS A 468 -2.72 3.22 38.49
C LYS A 468 -3.17 4.58 37.97
N SER A 469 -2.22 5.44 37.57
CA SER A 469 -2.61 6.74 37.04
C SER A 469 -3.19 6.62 35.63
N PHE A 470 -2.68 5.67 34.83
CA PHE A 470 -3.29 5.36 33.52
C PHE A 470 -4.71 4.87 33.68
N THR A 471 -4.93 3.96 34.64
CA THR A 471 -6.27 3.45 34.91
C THR A 471 -7.20 4.55 35.41
N GLU A 472 -6.70 5.40 36.32
CA GLU A 472 -7.54 6.44 36.92
C GLU A 472 -7.91 7.52 35.92
N GLN A 473 -6.95 7.94 35.09
CA GLN A 473 -7.24 8.99 34.11
C GLN A 473 -8.08 8.42 32.98
N LEU A 474 -7.95 7.11 32.71
CA LEU A 474 -8.84 6.41 31.78
C LEU A 474 -10.28 6.44 32.27
N ARG A 475 -10.52 6.11 33.56
CA ARG A 475 -11.91 6.08 34.02
C ARG A 475 -12.45 7.49 34.23
N LYS A 476 -11.59 8.47 34.51
CA LYS A 476 -12.09 9.83 34.69
C LYS A 476 -12.47 10.46 33.35
N ILE A 477 -11.68 10.21 32.29
CA ILE A 477 -12.07 10.74 30.99
C ILE A 477 -13.15 9.89 30.37
N SER A 478 -13.32 8.66 30.87
CA SER A 478 -14.38 7.83 30.35
C SER A 478 -15.70 8.08 31.08
N ARG A 479 -15.64 8.61 32.31
CA ARG A 479 -16.85 9.14 32.94
C ARG A 479 -17.21 10.49 32.35
N ASP A 480 -16.21 11.28 31.95
CA ASP A 480 -16.47 12.51 31.22
C ASP A 480 -17.11 12.20 29.87
N ALA A 481 -16.70 11.11 29.24
CA ALA A 481 -17.32 10.65 28.01
C ALA A 481 -18.44 9.64 28.27
N GLY A 482 -18.66 9.22 29.51
CA GLY A 482 -19.88 8.49 29.82
C GLY A 482 -19.79 7.00 30.05
N MET A 483 -18.77 6.52 30.78
CA MET A 483 -18.69 5.12 31.16
C MET A 483 -18.97 4.96 32.64
N PRO A 484 -19.74 3.98 33.04
CA PRO A 484 -19.78 3.62 34.47
C PRO A 484 -18.73 2.57 34.82
N ILE A 485 -17.47 3.00 34.89
CA ILE A 485 -16.37 2.14 35.29
C ILE A 485 -16.46 1.95 36.81
N GLN A 486 -16.63 0.71 37.24
CA GLN A 486 -16.79 0.38 38.64
C GLN A 486 -15.49 -0.19 39.19
N GLY A 487 -14.76 0.62 39.95
CA GLY A 487 -13.66 0.11 40.74
C GLY A 487 -12.38 -0.15 39.99
N GLN A 488 -11.30 -0.35 40.75
CA GLN A 488 -10.02 -0.71 40.20
C GLN A 488 -10.07 -2.13 39.67
N PRO A 489 -9.18 -2.49 38.72
CA PRO A 489 -9.11 -3.89 38.29
C PRO A 489 -8.66 -4.82 39.41
N CYS A 490 -9.26 -6.02 39.42
CA CYS A 490 -9.11 -6.93 40.56
C CYS A 490 -7.72 -7.58 40.59
N PHE A 491 -7.22 -7.98 39.43
CA PHE A 491 -5.93 -8.67 39.35
C PHE A 491 -5.00 -7.91 38.41
N CYS A 492 -3.85 -7.48 38.95
CA CYS A 492 -2.79 -6.85 38.17
C CYS A 492 -1.52 -7.68 38.35
N LYS A 493 -1.33 -8.65 37.45
CA LYS A 493 -0.22 -9.59 37.54
C LYS A 493 0.88 -9.13 36.59
N TYR A 494 2.10 -9.52 36.88
CA TYR A 494 3.24 -8.98 36.15
C TYR A 494 4.07 -10.11 35.57
N ALA A 495 3.66 -10.68 34.44
CA ALA A 495 4.30 -11.90 33.97
C ALA A 495 5.60 -11.63 33.21
N GLN A 496 6.16 -12.66 32.58
CA GLN A 496 7.47 -12.49 31.98
C GLN A 496 7.39 -12.56 30.46
N GLY A 497 6.79 -13.62 29.93
CA GLY A 497 6.81 -13.82 28.50
C GLY A 497 5.94 -14.99 28.10
N ALA A 498 6.27 -15.54 26.92
CA ALA A 498 5.37 -16.46 26.22
C ALA A 498 5.35 -17.85 26.82
N ASP A 499 6.23 -18.15 27.77
CA ASP A 499 6.33 -19.48 28.35
C ASP A 499 5.12 -19.80 29.21
N SER A 500 4.90 -19.01 30.26
CA SER A 500 3.81 -19.24 31.20
C SER A 500 2.63 -18.31 30.97
N VAL A 501 1.84 -18.52 29.91
CA VAL A 501 0.68 -17.67 29.68
C VAL A 501 -0.59 -18.36 30.15
N GLU A 502 -0.58 -19.68 30.20
CA GLU A 502 -1.80 -20.47 30.38
C GLU A 502 -2.30 -20.65 31.81
N PRO A 503 -1.47 -20.96 32.85
CA PRO A 503 -2.07 -21.13 34.20
C PRO A 503 -2.68 -19.86 34.79
N MET A 504 -2.10 -18.69 34.54
CA MET A 504 -2.73 -17.47 35.04
C MET A 504 -3.98 -17.10 34.26
N PHE A 505 -4.06 -17.43 32.97
CA PHE A 505 -5.30 -17.20 32.23
C PHE A 505 -6.40 -18.15 32.70
N ARG A 506 -6.05 -19.40 33.01
CA ARG A 506 -6.99 -20.32 33.64
C ARG A 506 -7.41 -19.83 35.02
N HIS A 507 -6.48 -19.25 35.76
CA HIS A 507 -6.78 -18.69 37.08
C HIS A 507 -7.73 -17.50 36.97
N LEU A 508 -7.55 -16.66 35.95
CA LEU A 508 -8.43 -15.51 35.74
C LEU A 508 -9.82 -15.95 35.27
N LYS A 509 -9.89 -17.01 34.47
CA LYS A 509 -11.18 -17.51 34.01
C LYS A 509 -11.95 -18.19 35.14
N ASN A 510 -11.28 -19.00 35.95
CA ASN A 510 -11.99 -19.77 36.97
C ASN A 510 -12.15 -19.01 38.27
N THR A 511 -11.28 -18.02 38.54
CA THR A 511 -11.32 -17.31 39.81
C THR A 511 -12.39 -16.23 39.82
N TYR A 512 -12.27 -15.26 38.91
CA TYR A 512 -13.18 -14.12 38.84
C TYR A 512 -14.25 -14.43 37.80
N ALA A 513 -15.44 -14.81 38.28
CA ALA A 513 -16.52 -15.19 37.39
C ALA A 513 -17.09 -13.97 36.67
N GLY A 514 -17.38 -14.14 35.39
CA GLY A 514 -17.87 -13.05 34.57
C GLY A 514 -16.84 -11.97 34.33
N LEU A 515 -15.61 -12.37 33.99
CA LEU A 515 -14.57 -11.40 33.67
C LEU A 515 -14.89 -10.71 32.35
N GLN A 516 -14.69 -9.38 32.32
CA GLN A 516 -15.20 -8.56 31.24
C GLN A 516 -14.11 -8.19 30.23
N LEU A 517 -12.96 -7.74 30.72
CA LEU A 517 -11.86 -7.35 29.85
C LEU A 517 -10.55 -7.61 30.56
N VAL A 518 -9.54 -8.03 29.80
CA VAL A 518 -8.19 -8.19 30.32
C VAL A 518 -7.25 -7.25 29.58
N VAL A 519 -6.42 -6.54 30.34
CA VAL A 519 -5.47 -5.57 29.82
C VAL A 519 -4.10 -6.22 29.78
N VAL A 520 -3.45 -6.18 28.62
CA VAL A 520 -2.16 -6.83 28.41
C VAL A 520 -1.18 -5.77 27.96
N ILE A 521 -0.03 -5.67 28.61
CA ILE A 521 0.99 -4.69 28.25
C ILE A 521 2.17 -5.43 27.63
N LEU A 522 2.67 -4.93 26.50
CA LEU A 522 3.66 -5.63 25.67
C LEU A 522 4.88 -4.75 25.39
N PRO A 523 6.08 -5.36 25.24
CA PRO A 523 7.26 -4.53 24.97
C PRO A 523 7.34 -4.03 23.53
N GLY A 524 6.91 -4.85 22.58
CA GLY A 524 7.00 -4.50 21.17
C GLY A 524 6.50 -5.61 20.26
N LYS A 525 7.20 -5.84 19.14
CA LYS A 525 6.90 -6.96 18.25
C LYS A 525 7.67 -8.19 18.75
N THR A 526 6.91 -9.14 19.30
CA THR A 526 7.42 -10.29 20.04
C THR A 526 6.30 -11.31 20.11
N PRO A 527 6.60 -12.59 19.98
CA PRO A 527 5.51 -13.59 19.99
C PRO A 527 4.90 -14.00 21.34
N VAL A 528 5.13 -13.25 22.43
CA VAL A 528 4.28 -13.36 23.61
C VAL A 528 2.95 -12.71 23.31
N TYR A 529 2.96 -11.65 22.48
CA TYR A 529 1.74 -11.08 21.94
C TYR A 529 1.00 -12.09 21.06
N ALA A 530 1.75 -12.80 20.22
CA ALA A 530 1.19 -13.82 19.37
C ALA A 530 0.53 -14.94 20.15
N GLU A 531 1.21 -15.43 21.19
CA GLU A 531 0.67 -16.47 22.04
C GLU A 531 -0.52 -16.00 22.87
N VAL A 532 -0.49 -14.78 23.41
CA VAL A 532 -1.61 -14.30 24.22
C VAL A 532 -2.83 -14.03 23.34
N LYS A 533 -2.64 -13.63 22.08
CA LYS A 533 -3.78 -13.41 21.21
C LYS A 533 -4.41 -14.73 20.76
N ARG A 534 -3.56 -15.72 20.46
CA ARG A 534 -4.07 -17.05 20.11
C ARG A 534 -4.81 -17.69 21.27
N VAL A 535 -4.27 -17.56 22.48
CA VAL A 535 -4.90 -18.15 23.67
C VAL A 535 -6.21 -17.43 23.98
N GLY A 536 -6.20 -16.09 23.96
CA GLY A 536 -7.38 -15.31 24.26
C GLY A 536 -8.50 -15.37 23.25
N ASP A 537 -8.21 -15.71 22.00
CA ASP A 537 -9.31 -15.87 21.05
C ASP A 537 -9.53 -17.29 20.56
N THR A 538 -8.79 -18.28 21.06
CA THR A 538 -9.15 -19.66 20.72
C THR A 538 -9.39 -20.54 21.94
N VAL A 539 -8.59 -20.40 22.99
CA VAL A 539 -8.53 -21.44 24.02
C VAL A 539 -9.69 -21.30 25.00
N LEU A 540 -9.79 -20.17 25.68
CA LEU A 540 -10.74 -20.01 26.77
C LEU A 540 -11.68 -18.83 26.59
N GLY A 541 -11.18 -17.71 26.05
CA GLY A 541 -12.09 -16.69 25.58
C GLY A 541 -12.31 -15.41 26.35
N MET A 542 -11.25 -14.76 26.83
CA MET A 542 -11.39 -13.39 27.33
C MET A 542 -10.89 -12.41 26.28
N ALA A 543 -11.61 -11.31 26.12
CA ALA A 543 -11.25 -10.29 25.13
C ALA A 543 -10.06 -9.47 25.59
N THR A 544 -8.98 -9.50 24.80
CA THR A 544 -7.67 -8.99 25.20
C THR A 544 -7.41 -7.65 24.53
N GLN A 545 -7.40 -6.56 25.29
CA GLN A 545 -6.97 -5.25 24.80
C GLN A 545 -5.55 -4.96 25.24
N CYS A 546 -4.76 -4.40 24.32
CA CYS A 546 -3.32 -4.33 24.49
C CYS A 546 -2.83 -2.91 24.32
N VAL A 547 -2.02 -2.48 25.28
CA VAL A 547 -1.40 -1.16 25.30
C VAL A 547 0.11 -1.39 25.38
N GLN A 548 0.89 -0.50 24.79
CA GLN A 548 2.32 -0.48 25.05
C GLN A 548 2.63 0.62 26.05
N MET A 549 3.81 0.55 26.68
CA MET A 549 4.20 1.58 27.63
C MET A 549 4.50 2.92 26.96
N LYS A 550 4.69 2.93 25.64
CA LYS A 550 5.00 4.16 24.93
C LYS A 550 3.81 5.10 24.85
N ASN A 551 2.61 4.61 25.17
CA ASN A 551 1.45 5.48 25.36
C ASN A 551 1.03 5.56 26.81
N VAL A 552 1.64 4.77 27.69
CA VAL A 552 1.35 4.84 29.12
C VAL A 552 2.24 5.86 29.81
N GLN A 553 3.55 5.82 29.51
CA GLN A 553 4.54 6.71 30.12
C GLN A 553 4.28 8.17 29.77
N ARG A 554 4.06 8.45 28.48
CA ARG A 554 3.64 9.76 28.03
C ARG A 554 2.16 9.70 27.69
N THR A 555 1.37 10.59 28.27
CA THR A 555 -0.07 10.62 28.05
C THR A 555 -0.53 12.04 27.80
N THR A 556 -1.55 12.16 26.95
CA THR A 556 -2.33 13.37 26.71
C THR A 556 -3.79 12.95 26.74
N PRO A 557 -4.72 13.87 27.04
CA PRO A 557 -6.14 13.48 27.15
C PRO A 557 -6.76 12.89 25.89
N GLN A 558 -6.32 13.32 24.71
CA GLN A 558 -6.70 12.65 23.47
C GLN A 558 -6.18 11.22 23.41
N THR A 559 -4.92 11.00 23.77
CA THR A 559 -4.19 9.73 23.70
C THR A 559 -4.82 8.64 24.57
N LEU A 560 -5.46 9.00 25.68
CA LEU A 560 -6.14 8.00 26.49
C LEU A 560 -7.65 8.02 26.35
N SER A 561 -8.22 9.15 25.92
CA SER A 561 -9.64 9.18 25.59
C SER A 561 -9.94 8.26 24.42
N ASN A 562 -9.03 8.20 23.44
CA ASN A 562 -9.30 7.26 22.36
C ASN A 562 -9.06 5.81 22.78
N LEU A 563 -8.21 5.58 23.78
CA LEU A 563 -8.07 4.23 24.30
C LEU A 563 -9.32 3.80 25.08
N CYS A 564 -9.94 4.73 25.81
CA CYS A 564 -11.18 4.40 26.51
C CYS A 564 -12.30 4.15 25.54
N LEU A 565 -12.29 4.85 24.41
CA LEU A 565 -13.33 4.51 23.45
C LEU A 565 -12.97 3.31 22.56
N LYS A 566 -11.72 2.84 22.56
CA LYS A 566 -11.45 1.53 21.97
C LYS A 566 -11.92 0.40 22.89
N ILE A 567 -11.63 0.51 24.19
CA ILE A 567 -12.10 -0.52 25.13
C ILE A 567 -13.59 -0.40 25.42
N ASN A 568 -14.23 0.71 25.05
CA ASN A 568 -15.69 0.77 25.06
C ASN A 568 -16.28 -0.24 24.10
N VAL A 569 -15.82 -0.22 22.85
CA VAL A 569 -16.45 -1.05 21.83
C VAL A 569 -15.87 -2.45 21.85
N LYS A 570 -14.76 -2.64 22.59
CA LYS A 570 -14.12 -3.96 22.76
C LYS A 570 -15.07 -5.02 23.29
N LEU A 571 -15.78 -4.72 24.37
CA LEU A 571 -16.83 -5.63 24.83
C LEU A 571 -18.02 -5.60 23.87
N GLY A 572 -18.62 -4.43 23.72
CA GLY A 572 -19.58 -4.16 22.68
C GLY A 572 -20.55 -3.08 23.12
N GLY A 573 -20.73 -2.10 22.26
CA GLY A 573 -21.56 -0.94 22.56
C GLY A 573 -21.47 0.06 21.44
N VAL A 574 -22.30 1.09 21.53
CA VAL A 574 -22.45 2.09 20.49
C VAL A 574 -21.83 3.39 20.98
N ASN A 575 -20.96 3.98 20.17
CA ASN A 575 -20.21 5.19 20.51
C ASN A 575 -20.64 6.40 19.71
N ASN A 576 -21.23 6.20 18.56
CA ASN A 576 -21.55 7.29 17.65
C ASN A 576 -22.76 6.86 16.85
N ILE A 577 -23.56 7.83 16.45
CA ILE A 577 -24.63 7.56 15.53
C ILE A 577 -24.76 8.78 14.64
N LEU A 578 -24.87 8.55 13.34
CA LEU A 578 -25.05 9.65 12.41
C LEU A 578 -26.46 10.22 12.57
N LEU A 579 -26.64 11.46 12.12
CA LEU A 579 -27.93 12.12 12.27
C LEU A 579 -28.96 11.45 11.36
N PRO A 580 -30.16 11.15 11.88
CA PRO A 580 -31.21 10.55 11.03
C PRO A 580 -31.65 11.43 9.87
N GLN A 581 -31.59 12.74 10.03
CA GLN A 581 -31.74 13.64 8.89
C GLN A 581 -30.51 13.61 8.00
N GLY A 582 -29.33 13.42 8.60
CA GLY A 582 -28.10 13.40 7.81
C GLY A 582 -27.77 12.04 7.25
N ARG A 583 -28.46 11.01 7.72
CA ARG A 583 -28.23 9.65 7.24
C ARG A 583 -28.76 9.47 5.82
N PRO A 584 -28.03 8.75 4.98
CA PRO A 584 -28.55 8.39 3.64
C PRO A 584 -29.70 7.42 3.76
N PRO A 585 -30.52 7.26 2.70
CA PRO A 585 -31.68 6.36 2.78
C PRO A 585 -31.35 4.87 2.87
N VAL A 586 -30.07 4.47 2.82
CA VAL A 586 -29.70 3.12 3.20
C VAL A 586 -29.95 2.88 4.68
N PHE A 587 -29.78 3.93 5.50
CA PHE A 587 -29.88 3.80 6.95
C PHE A 587 -31.31 3.67 7.45
N GLN A 588 -32.30 3.95 6.61
CA GLN A 588 -33.69 3.73 6.97
C GLN A 588 -34.06 2.26 6.96
N GLN A 589 -33.25 1.42 6.33
CA GLN A 589 -33.35 -0.03 6.37
C GLN A 589 -32.18 -0.56 7.19
N PRO A 590 -32.29 -1.76 7.76
CA PRO A 590 -31.14 -2.36 8.45
C PRO A 590 -29.98 -2.64 7.50
N VAL A 591 -28.76 -2.47 8.00
CA VAL A 591 -27.58 -2.43 7.15
C VAL A 591 -26.40 -3.09 7.87
N ILE A 592 -25.67 -3.93 7.13
CA ILE A 592 -24.49 -4.62 7.63
C ILE A 592 -23.26 -4.00 6.93
N PHE A 593 -22.32 -3.50 7.73
CA PHE A 593 -21.08 -2.93 7.22
C PHE A 593 -19.99 -4.00 7.34
N LEU A 594 -19.48 -4.44 6.20
CA LEU A 594 -18.53 -5.53 6.14
C LEU A 594 -17.17 -5.03 5.66
N GLY A 595 -16.12 -5.69 6.10
CA GLY A 595 -14.80 -5.30 5.64
C GLY A 595 -13.86 -6.48 5.62
N ALA A 596 -13.15 -6.69 4.53
CA ALA A 596 -12.27 -7.83 4.38
C ALA A 596 -10.81 -7.39 4.38
N ASP A 597 -9.91 -8.37 4.59
CA ASP A 597 -8.48 -8.12 4.52
C ASP A 597 -7.71 -9.41 4.30
N VAL A 598 -6.92 -9.45 3.25
CA VAL A 598 -5.94 -10.49 3.04
C VAL A 598 -4.59 -9.95 3.49
N THR A 599 -3.81 -10.79 4.18
CA THR A 599 -2.49 -10.35 4.68
C THR A 599 -1.51 -11.51 4.61
N LYS A 608 5.20 -20.10 8.14
CA LYS A 608 4.44 -18.86 8.35
C LYS A 608 3.24 -18.79 7.43
N PRO A 609 2.12 -19.39 7.82
CA PRO A 609 0.93 -19.37 6.97
C PRO A 609 0.25 -18.01 6.95
N SER A 610 -0.55 -17.78 5.91
CA SER A 610 -1.12 -16.47 5.62
C SER A 610 -2.52 -16.32 6.23
N ILE A 611 -3.23 -15.27 5.80
CA ILE A 611 -4.24 -14.62 6.62
C ILE A 611 -5.54 -14.49 5.85
N ALA A 612 -6.63 -14.88 6.51
CA ALA A 612 -7.97 -14.57 6.04
C ALA A 612 -8.75 -13.97 7.21
N ALA A 613 -9.26 -12.74 7.04
CA ALA A 613 -9.87 -12.02 8.15
C ALA A 613 -10.89 -11.00 7.65
N VAL A 614 -12.09 -11.01 8.25
CA VAL A 614 -13.23 -10.21 7.80
C VAL A 614 -13.98 -9.70 9.03
N VAL A 615 -14.32 -8.40 9.07
CA VAL A 615 -15.11 -7.80 10.14
C VAL A 615 -16.48 -7.38 9.63
N GLY A 616 -17.54 -7.71 10.38
CA GLY A 616 -18.86 -7.16 10.11
C GLY A 616 -19.44 -6.46 11.33
N SER A 617 -20.37 -5.56 11.07
CA SER A 617 -21.05 -4.78 12.09
C SER A 617 -22.16 -5.58 12.78
N MET A 618 -22.86 -4.94 13.71
CA MET A 618 -23.85 -5.62 14.55
C MET A 618 -25.21 -4.96 14.52
N ASP A 619 -25.29 -3.71 14.07
CA ASP A 619 -26.52 -2.94 14.27
C ASP A 619 -26.62 -1.82 13.23
N ALA A 620 -27.76 -1.14 13.25
CA ALA A 620 -27.93 0.03 12.40
C ALA A 620 -27.11 1.22 12.90
N HIS A 621 -26.92 1.31 14.21
CA HIS A 621 -26.04 2.30 14.81
C HIS A 621 -24.60 1.89 14.50
N PRO A 622 -23.88 2.61 13.67
CA PRO A 622 -22.61 2.09 13.14
C PRO A 622 -21.44 2.18 14.10
N ASN A 623 -21.47 1.45 15.21
CA ASN A 623 -20.27 1.31 16.01
C ASN A 623 -19.97 -0.13 16.39
N ARG A 624 -21.03 -0.90 16.65
CA ARG A 624 -20.88 -2.27 17.15
C ARG A 624 -20.52 -3.19 15.99
N TYR A 625 -19.34 -3.82 16.09
CA TYR A 625 -18.86 -4.77 15.10
C TYR A 625 -18.51 -6.07 15.83
N CYS A 626 -18.03 -7.06 15.08
CA CYS A 626 -17.38 -8.25 15.61
C CYS A 626 -16.59 -8.87 14.48
N ALA A 627 -15.64 -9.75 14.81
CA ALA A 627 -14.62 -10.17 13.86
C ALA A 627 -14.46 -11.67 13.79
N THR A 628 -13.99 -12.12 12.62
CA THR A 628 -13.65 -13.51 12.37
C THR A 628 -12.18 -13.59 11.98
N VAL A 629 -11.54 -14.70 12.33
CA VAL A 629 -10.16 -15.00 11.92
C VAL A 629 -10.09 -16.43 11.40
N ARG A 630 -9.41 -16.62 10.27
CA ARG A 630 -8.99 -17.93 9.80
C ARG A 630 -7.56 -17.80 9.30
N VAL A 631 -6.91 -18.94 9.10
CA VAL A 631 -5.53 -19.00 8.63
C VAL A 631 -5.52 -19.77 7.32
N GLN A 632 -4.82 -19.24 6.31
CA GLN A 632 -4.73 -19.84 5.00
C GLN A 632 -3.27 -20.06 4.62
N GLN A 633 -3.05 -20.77 3.50
CA GLN A 633 -1.71 -21.05 3.03
C GLN A 633 -1.02 -19.78 2.54
N HIS A 634 0.31 -19.81 2.53
CA HIS A 634 1.07 -18.59 2.33
C HIS A 634 1.08 -18.16 0.86
N ARG A 635 1.45 -16.88 0.67
CA ARG A 635 1.60 -16.21 -0.63
C ARG A 635 0.31 -16.25 -1.45
N GLN A 636 -0.81 -16.09 -0.76
CA GLN A 636 -2.11 -16.07 -1.38
C GLN A 636 -2.92 -14.90 -0.82
N GLU A 637 -3.48 -14.10 -1.73
CA GLU A 637 -4.23 -12.90 -1.38
C GLU A 637 -5.67 -13.02 -1.85
N ILE A 638 -6.29 -14.16 -1.55
CA ILE A 638 -7.69 -14.41 -1.86
C ILE A 638 -8.37 -14.78 -0.55
N ILE A 639 -9.68 -14.59 -0.49
CA ILE A 639 -10.49 -15.08 0.62
C ILE A 639 -11.29 -16.27 0.12
N GLN A 640 -11.12 -17.41 0.78
CA GLN A 640 -11.76 -18.66 0.39
C GLN A 640 -12.63 -19.26 1.47
N ASP A 641 -12.42 -18.90 2.74
CA ASP A 641 -13.22 -19.38 3.84
C ASP A 641 -14.26 -18.37 4.28
N LEU A 642 -14.83 -17.61 3.34
CA LEU A 642 -15.72 -16.49 3.67
C LEU A 642 -17.05 -16.96 4.23
N ALA A 643 -17.44 -18.20 3.93
CA ALA A 643 -18.76 -18.71 4.32
C ALA A 643 -18.91 -18.80 5.83
N ALA A 644 -17.89 -19.35 6.49
CA ALA A 644 -17.91 -19.44 7.96
C ALA A 644 -17.82 -18.06 8.60
N MET A 645 -17.04 -17.16 7.99
CA MET A 645 -16.89 -15.80 8.49
C MET A 645 -18.21 -15.05 8.50
N VAL A 646 -18.80 -14.82 7.32
CA VAL A 646 -20.02 -14.03 7.30
C VAL A 646 -21.22 -14.82 7.80
N ARG A 647 -21.11 -16.15 7.92
CA ARG A 647 -22.09 -16.91 8.68
C ARG A 647 -22.07 -16.51 10.15
N GLU A 648 -20.88 -16.44 10.75
CA GLU A 648 -20.76 -15.99 12.13
C GLU A 648 -21.18 -14.54 12.29
N LEU A 649 -20.82 -13.69 11.32
CA LEU A 649 -21.13 -12.27 11.39
C LEU A 649 -22.64 -12.02 11.31
N LEU A 650 -23.34 -12.73 10.42
CA LEU A 650 -24.77 -12.46 10.29
C LEU A 650 -25.58 -13.16 11.37
N ILE A 651 -25.14 -14.32 11.90
CA ILE A 651 -25.82 -14.86 13.08
C ILE A 651 -25.54 -14.00 14.31
N GLN A 652 -24.41 -13.31 14.36
CA GLN A 652 -24.20 -12.44 15.51
C GLN A 652 -24.98 -11.14 15.35
N PHE A 653 -25.23 -10.71 14.10
CA PHE A 653 -26.17 -9.62 13.84
C PHE A 653 -27.58 -9.99 14.28
N TYR A 654 -28.01 -11.22 13.97
CA TYR A 654 -29.32 -11.71 14.36
C TYR A 654 -29.43 -11.83 15.87
N LYS A 655 -28.33 -12.20 16.54
CA LYS A 655 -28.31 -12.21 17.99
C LYS A 655 -28.31 -10.80 18.57
N SER A 656 -27.72 -9.85 17.85
CA SER A 656 -27.55 -8.50 18.39
C SER A 656 -28.85 -7.71 18.31
N THR A 657 -29.48 -7.67 17.13
CA THR A 657 -30.62 -6.77 16.94
C THR A 657 -31.96 -7.47 16.74
N ARG A 658 -31.97 -8.80 16.58
CA ARG A 658 -33.14 -9.61 16.16
C ARG A 658 -33.72 -9.04 14.86
N PHE A 659 -32.82 -8.77 13.92
CA PHE A 659 -33.18 -8.17 12.65
C PHE A 659 -32.12 -8.51 11.63
N LYS A 660 -32.50 -9.25 10.59
CA LYS A 660 -31.60 -9.57 9.50
C LYS A 660 -31.34 -8.29 8.70
N PRO A 661 -30.08 -7.90 8.51
CA PRO A 661 -29.79 -6.64 7.79
C PRO A 661 -30.10 -6.76 6.31
N THR A 662 -30.41 -5.62 5.69
CA THR A 662 -30.91 -5.60 4.32
C THR A 662 -29.88 -5.10 3.31
N ARG A 663 -28.86 -4.36 3.76
CA ARG A 663 -27.88 -3.78 2.85
C ARG A 663 -26.49 -4.16 3.31
N ILE A 664 -25.71 -4.81 2.43
CA ILE A 664 -24.33 -5.17 2.73
C ILE A 664 -23.40 -4.10 2.18
N ILE A 665 -22.53 -3.58 3.04
CA ILE A 665 -21.53 -2.60 2.63
C ILE A 665 -20.17 -3.24 2.87
N PHE A 666 -19.62 -3.87 1.84
CA PHE A 666 -18.37 -4.62 1.92
C PHE A 666 -17.17 -3.70 1.67
N TYR A 667 -16.04 -4.05 2.29
CA TYR A 667 -14.80 -3.30 2.13
C TYR A 667 -13.64 -4.27 2.06
N ARG A 668 -12.53 -3.79 1.48
CA ARG A 668 -11.24 -4.47 1.59
C ARG A 668 -10.09 -3.50 1.35
N ALA A 669 -9.12 -3.49 2.25
CA ALA A 669 -7.98 -2.59 2.14
C ALA A 669 -6.79 -3.29 1.49
N GLY A 670 -6.10 -2.57 0.62
CA GLY A 670 -4.83 -3.00 0.06
C GLY A 670 -4.88 -4.19 -0.88
N VAL A 671 -5.50 -4.00 -2.05
CA VAL A 671 -5.61 -5.04 -3.06
C VAL A 671 -4.85 -4.58 -4.30
N SER A 672 -4.21 -5.52 -4.98
CA SER A 672 -3.58 -5.23 -6.27
C SER A 672 -4.65 -4.96 -7.32
N GLU A 673 -4.30 -4.16 -8.32
CA GLU A 673 -5.27 -3.69 -9.31
C GLU A 673 -5.64 -4.80 -10.30
N GLY A 674 -4.74 -5.76 -10.50
CA GLY A 674 -5.02 -6.82 -11.43
C GLY A 674 -5.78 -8.00 -10.86
N GLN A 675 -6.00 -8.04 -9.55
CA GLN A 675 -6.61 -9.19 -8.90
C GLN A 675 -8.11 -9.00 -8.69
N PHE A 676 -8.70 -7.99 -9.31
CA PHE A 676 -10.05 -7.55 -8.94
C PHE A 676 -11.11 -8.55 -9.41
N GLN A 677 -10.93 -9.14 -10.59
CA GLN A 677 -11.89 -10.13 -11.08
C GLN A 677 -11.86 -11.39 -10.24
N GLN A 678 -10.68 -11.79 -9.76
CA GLN A 678 -10.59 -13.02 -8.96
C GLN A 678 -11.10 -12.79 -7.54
N VAL A 679 -10.85 -11.60 -6.96
CA VAL A 679 -11.44 -11.34 -5.65
C VAL A 679 -12.95 -11.05 -5.75
N LEU A 680 -13.43 -10.60 -6.91
CA LEU A 680 -14.87 -10.56 -7.16
C LEU A 680 -15.45 -11.96 -7.23
N HIS A 681 -14.73 -12.87 -7.89
CA HIS A 681 -15.16 -14.25 -8.03
C HIS A 681 -15.21 -14.99 -6.69
N HIS A 682 -14.25 -14.74 -5.81
CA HIS A 682 -14.20 -15.52 -4.58
C HIS A 682 -14.71 -14.79 -3.35
N GLU A 683 -15.05 -13.50 -3.43
CA GLU A 683 -15.53 -12.79 -2.26
C GLU A 683 -16.96 -12.29 -2.38
N LEU A 684 -17.64 -12.60 -3.47
CA LEU A 684 -19.07 -12.37 -3.59
C LEU A 684 -19.88 -13.60 -3.91
N LEU A 685 -19.29 -14.60 -4.57
CA LEU A 685 -19.98 -15.88 -4.69
C LEU A 685 -19.96 -16.63 -3.38
N ALA A 686 -18.92 -16.40 -2.57
CA ALA A 686 -18.81 -17.05 -1.27
C ALA A 686 -19.82 -16.48 -0.28
N ILE A 687 -20.05 -15.17 -0.31
CA ILE A 687 -21.06 -14.59 0.57
C ILE A 687 -22.46 -14.95 0.09
N ARG A 688 -22.63 -15.22 -1.22
CA ARG A 688 -23.94 -15.63 -1.73
C ARG A 688 -24.25 -17.07 -1.33
N GLU A 689 -23.26 -17.97 -1.44
CA GLU A 689 -23.48 -19.33 -0.98
C GLU A 689 -23.48 -19.43 0.54
N ALA A 690 -22.97 -18.41 1.24
CA ALA A 690 -23.17 -18.34 2.67
C ALA A 690 -24.57 -17.86 3.02
N CYS A 691 -25.08 -16.87 2.27
CA CYS A 691 -26.39 -16.30 2.58
C CYS A 691 -27.52 -17.23 2.22
N ILE A 692 -27.29 -18.16 1.27
CA ILE A 692 -28.27 -19.24 1.11
C ILE A 692 -28.12 -20.31 2.17
N LYS A 693 -27.03 -20.29 2.95
CA LYS A 693 -26.82 -21.26 4.02
C LYS A 693 -27.24 -20.73 5.39
N LEU A 694 -27.37 -19.40 5.55
CA LEU A 694 -27.83 -18.82 6.80
C LEU A 694 -29.33 -18.96 6.98
N GLU A 695 -30.11 -18.33 6.10
CA GLU A 695 -31.56 -18.42 6.15
C GLU A 695 -32.09 -18.29 4.74
N LYS A 696 -33.17 -19.03 4.46
CA LYS A 696 -33.71 -19.10 3.11
C LYS A 696 -34.42 -17.79 2.76
N ASP A 697 -34.38 -17.45 1.46
CA ASP A 697 -34.95 -16.23 0.87
C ASP A 697 -34.37 -14.98 1.54
N TYR A 698 -33.06 -14.98 1.72
CA TYR A 698 -32.36 -13.85 2.35
C TYR A 698 -31.08 -13.60 1.55
N GLN A 699 -31.13 -12.62 0.66
CA GLN A 699 -29.96 -12.19 -0.10
C GLN A 699 -29.92 -10.66 -0.07
N PRO A 700 -29.31 -10.08 0.96
CA PRO A 700 -29.24 -8.62 1.05
C PRO A 700 -28.33 -8.03 -0.01
N GLY A 701 -28.61 -6.77 -0.37
CA GLY A 701 -27.87 -6.14 -1.45
C GLY A 701 -26.47 -5.72 -1.02
N ILE A 702 -25.49 -6.08 -1.83
CA ILE A 702 -24.09 -5.86 -1.51
C ILE A 702 -23.62 -4.58 -2.20
N THR A 703 -23.02 -3.68 -1.42
CA THR A 703 -22.34 -2.52 -1.98
C THR A 703 -20.86 -2.74 -1.73
N PHE A 704 -20.21 -3.36 -2.70
CA PHE A 704 -18.81 -3.76 -2.57
C PHE A 704 -17.92 -2.59 -2.97
N ILE A 705 -17.10 -2.15 -2.02
CA ILE A 705 -16.19 -1.02 -2.20
C ILE A 705 -14.79 -1.53 -1.97
N VAL A 706 -13.96 -1.46 -3.00
CA VAL A 706 -12.56 -1.85 -2.89
C VAL A 706 -11.70 -0.60 -2.98
N VAL A 707 -10.97 -0.35 -1.93
CA VAL A 707 -10.16 0.84 -1.83
C VAL A 707 -8.77 0.49 -2.32
N GLN A 708 -7.93 1.51 -2.54
CA GLN A 708 -6.59 1.22 -3.03
C GLN A 708 -5.50 1.68 -2.06
N LYS A 709 -5.48 2.97 -1.74
CA LYS A 709 -4.69 3.65 -0.71
C LYS A 709 -3.20 3.74 -1.06
N ARG A 710 -2.71 3.02 -2.07
CA ARG A 710 -1.33 3.14 -2.53
C ARG A 710 -1.34 3.23 -4.06
N HIS A 711 -1.08 4.44 -4.55
CA HIS A 711 -1.09 4.75 -5.97
C HIS A 711 -0.26 6.02 -6.15
N HIS A 712 0.09 6.30 -7.40
CA HIS A 712 0.90 7.45 -7.75
C HIS A 712 0.06 8.59 -8.31
N THR A 713 -1.21 8.64 -7.96
CA THR A 713 -2.13 9.64 -8.49
C THR A 713 -2.57 10.55 -7.37
N ARG A 714 -2.38 11.86 -7.55
CA ARG A 714 -2.64 12.86 -6.53
C ARG A 714 -3.60 13.91 -7.06
N LEU A 715 -4.02 14.81 -6.16
CA LEU A 715 -4.83 15.98 -6.50
C LEU A 715 -4.28 17.18 -5.76
N PHE A 716 -4.21 18.33 -6.46
CA PHE A 716 -3.62 19.54 -5.92
C PHE A 716 -4.60 20.70 -6.00
N CYS A 717 -4.55 21.56 -4.98
CA CYS A 717 -5.54 22.62 -4.82
C CYS A 717 -5.36 23.70 -5.89
N THR A 718 -6.47 24.30 -6.30
CA THR A 718 -6.50 25.19 -7.45
C THR A 718 -5.90 26.54 -7.07
N ASP A 719 -4.59 26.68 -7.34
CA ASP A 719 -3.83 27.91 -7.11
C ASP A 719 -3.88 28.37 -5.65
N LYS A 720 -3.96 27.38 -4.76
CA LYS A 720 -4.14 27.53 -3.31
C LYS A 720 -5.36 28.41 -2.98
N ASN A 721 -6.50 28.02 -3.54
CA ASN A 721 -7.75 28.69 -3.23
C ASN A 721 -8.22 28.36 -1.82
N GLU A 722 -8.01 27.12 -1.37
CA GLU A 722 -8.52 26.61 -0.10
C GLU A 722 -7.43 25.85 0.64
N ARG A 723 -6.28 26.50 0.83
CA ARG A 723 -5.16 25.93 1.58
C ARG A 723 -5.54 25.65 3.03
N VAL A 724 -5.40 24.39 3.43
CA VAL A 724 -5.76 23.94 4.77
C VAL A 724 -4.58 23.15 5.34
N GLY A 725 -4.21 23.47 6.57
CA GLY A 725 -3.15 22.73 7.26
C GLY A 725 -1.76 23.14 6.82
N LYS A 726 -0.74 22.60 7.50
CA LYS A 726 0.64 22.90 7.14
C LYS A 726 1.10 22.08 5.95
N SER A 727 0.34 21.04 5.59
CA SER A 727 0.70 20.22 4.43
C SER A 727 0.34 20.93 3.13
N GLY A 728 -0.72 21.73 3.13
CA GLY A 728 -1.16 22.37 1.91
C GLY A 728 -1.97 21.48 0.99
N ASN A 729 -2.41 20.32 1.46
CA ASN A 729 -3.21 19.42 0.65
C ASN A 729 -4.65 19.92 0.54
N ILE A 730 -5.43 19.22 -0.28
CA ILE A 730 -6.80 19.56 -0.63
C ILE A 730 -7.71 19.37 0.57
N PRO A 731 -8.89 20.00 0.62
CA PRO A 731 -9.83 19.74 1.73
C PRO A 731 -10.41 18.34 1.71
N ALA A 732 -11.05 17.98 2.81
CA ALA A 732 -11.51 16.61 3.00
C ALA A 732 -12.78 16.33 2.19
N GLY A 733 -12.90 15.11 1.70
CA GLY A 733 -14.08 14.66 1.00
C GLY A 733 -14.12 14.98 -0.47
N THR A 734 -13.05 15.54 -1.03
CA THR A 734 -13.06 16.04 -2.41
C THR A 734 -13.15 14.93 -3.43
N THR A 735 -14.36 14.49 -3.70
CA THR A 735 -14.59 13.40 -4.63
C THR A 735 -14.33 13.86 -6.06
N VAL A 736 -13.50 13.10 -6.78
CA VAL A 736 -13.28 13.34 -8.20
C VAL A 736 -13.56 12.03 -8.93
N ASP A 737 -14.54 12.06 -9.83
CA ASP A 737 -14.88 10.90 -10.65
C ASP A 737 -14.69 11.17 -12.13
N THR A 738 -14.80 12.42 -12.55
CA THR A 738 -14.69 12.82 -13.95
C THR A 738 -13.24 13.13 -14.28
N LYS A 739 -12.86 12.84 -15.52
CA LYS A 739 -11.77 13.42 -16.31
C LYS A 739 -10.36 12.95 -15.87
N ILE A 740 -10.17 12.38 -14.68
CA ILE A 740 -8.93 11.67 -14.41
C ILE A 740 -9.16 10.25 -13.90
N THR A 741 -10.30 9.96 -13.29
CA THR A 741 -10.68 8.60 -12.92
C THR A 741 -11.22 7.92 -14.17
N HIS A 742 -11.12 6.60 -14.20
CA HIS A 742 -11.47 5.67 -15.27
C HIS A 742 -12.96 5.87 -15.51
N PRO A 743 -13.39 6.19 -16.76
CA PRO A 743 -14.78 6.58 -16.95
C PRO A 743 -15.73 5.39 -16.89
N THR A 744 -15.28 4.33 -17.57
CA THR A 744 -16.14 3.27 -18.06
C THR A 744 -16.58 2.31 -16.98
N GLU A 745 -16.02 2.41 -15.78
CA GLU A 745 -16.33 1.50 -14.69
C GLU A 745 -16.87 2.30 -13.52
N PHE A 746 -17.10 1.60 -12.41
CA PHE A 746 -17.71 2.16 -11.20
C PHE A 746 -16.58 2.51 -10.24
N ASP A 747 -16.35 3.81 -10.01
CA ASP A 747 -15.21 4.27 -9.21
C ASP A 747 -15.44 5.73 -8.84
N PHE A 748 -14.59 6.22 -7.94
CA PHE A 748 -14.39 7.63 -7.61
C PHE A 748 -13.14 7.76 -6.75
N TYR A 749 -12.47 8.89 -6.86
CA TYR A 749 -11.44 9.21 -5.86
C TYR A 749 -12.11 9.86 -4.66
N LEU A 750 -11.43 9.80 -3.53
CA LEU A 750 -11.86 10.54 -2.35
C LEU A 750 -10.64 10.80 -1.49
N CYS A 751 -10.51 12.02 -1.00
CA CYS A 751 -9.51 12.38 -0.02
C CYS A 751 -10.27 12.91 1.18
N SER A 752 -10.26 12.15 2.27
CA SER A 752 -10.89 12.54 3.53
C SER A 752 -9.86 12.81 4.61
N HIS A 753 -8.88 13.62 4.27
CA HIS A 753 -7.68 13.86 5.05
C HIS A 753 -7.61 15.29 5.58
N ALA A 754 -6.47 15.62 6.19
CA ALA A 754 -6.14 16.98 6.59
C ALA A 754 -4.63 17.19 6.48
N GLY A 755 -4.13 18.25 7.09
CA GLY A 755 -2.70 18.54 7.05
C GLY A 755 -1.87 17.67 7.98
N ILE A 756 -1.12 16.73 7.41
CA ILE A 756 -0.26 15.82 8.16
C ILE A 756 1.07 15.72 7.42
N GLN A 757 2.17 16.11 8.11
CA GLN A 757 3.57 15.81 7.79
C GLN A 757 4.12 16.52 6.55
N GLY A 758 3.25 17.04 5.70
CA GLY A 758 3.60 17.48 4.37
C GLY A 758 3.32 16.30 3.47
N THR A 759 2.16 16.27 2.83
CA THR A 759 1.68 15.05 2.18
C THR A 759 0.60 15.45 1.18
N SER A 760 0.68 14.90 -0.02
CA SER A 760 -0.40 15.00 -1.01
C SER A 760 -0.93 13.61 -1.26
N ARG A 761 -2.26 13.41 -1.08
CA ARG A 761 -2.89 12.10 -1.18
C ARG A 761 -4.41 12.12 -1.30
N PRO A 762 -4.98 11.35 -2.23
CA PRO A 762 -6.28 10.74 -2.04
C PRO A 762 -6.32 9.29 -1.53
N SER A 763 -7.53 8.72 -1.62
CA SER A 763 -7.77 7.30 -1.37
C SER A 763 -8.77 6.80 -2.40
N HIS A 764 -8.28 6.04 -3.38
CA HIS A 764 -9.08 5.66 -4.54
C HIS A 764 -10.07 4.57 -4.15
N TYR A 765 -11.34 4.93 -4.01
CA TYR A 765 -12.39 4.01 -3.59
C TYR A 765 -13.07 3.40 -4.82
N HIS A 766 -12.37 2.46 -5.44
CA HIS A 766 -12.91 1.84 -6.65
C HIS A 766 -13.95 0.80 -6.25
N VAL A 767 -15.23 1.23 -6.23
CA VAL A 767 -16.29 0.36 -5.76
C VAL A 767 -16.57 -0.69 -6.83
N LEU A 768 -16.41 -1.95 -6.47
CA LEU A 768 -16.44 -2.98 -7.50
C LEU A 768 -17.80 -3.60 -7.73
N TRP A 769 -18.73 -3.48 -6.80
CA TRP A 769 -20.04 -4.07 -7.04
C TRP A 769 -21.09 -3.31 -6.25
N ASP A 770 -22.20 -3.02 -6.92
CA ASP A 770 -23.43 -2.59 -6.27
C ASP A 770 -24.52 -3.52 -6.77
N ASP A 771 -25.28 -4.14 -5.86
CA ASP A 771 -26.21 -5.19 -6.25
C ASP A 771 -27.47 -4.61 -6.88
N ASN A 772 -28.17 -3.75 -6.15
CA ASN A 772 -29.42 -3.17 -6.64
C ASN A 772 -29.18 -1.92 -7.48
N ARG A 773 -27.90 -1.53 -7.65
CA ARG A 773 -27.45 -0.39 -8.46
C ARG A 773 -28.06 0.93 -7.96
N PHE A 774 -27.73 1.26 -6.73
CA PHE A 774 -28.03 2.59 -6.23
C PHE A 774 -27.13 3.63 -6.90
N SER A 775 -27.59 4.88 -6.87
CA SER A 775 -26.85 5.97 -7.50
C SER A 775 -25.59 6.29 -6.73
N SER A 776 -24.55 6.70 -7.46
CA SER A 776 -23.24 6.93 -6.86
C SER A 776 -23.19 8.22 -6.05
N ASP A 777 -24.15 9.13 -6.24
CA ASP A 777 -24.27 10.31 -5.39
C ASP A 777 -24.54 9.93 -3.94
N GLU A 778 -25.43 8.96 -3.73
CA GLU A 778 -25.69 8.41 -2.41
C GLU A 778 -24.52 7.59 -1.89
N LEU A 779 -23.84 6.86 -2.78
CA LEU A 779 -22.74 5.98 -2.37
C LEU A 779 -21.55 6.78 -1.85
N GLN A 780 -21.23 7.91 -2.49
CA GLN A 780 -20.06 8.67 -2.05
C GLN A 780 -20.30 9.38 -0.72
N ILE A 781 -21.52 9.87 -0.46
CA ILE A 781 -21.79 10.53 0.81
C ILE A 781 -21.96 9.49 1.92
N LEU A 782 -22.50 8.32 1.60
CA LEU A 782 -22.56 7.21 2.55
C LEU A 782 -21.16 6.74 2.93
N THR A 783 -20.25 6.71 1.94
CA THR A 783 -18.89 6.28 2.18
C THR A 783 -18.13 7.32 3.00
N TYR A 784 -18.41 8.61 2.76
CA TYR A 784 -17.84 9.66 3.60
C TYR A 784 -18.35 9.58 5.04
N GLN A 785 -19.63 9.26 5.22
CA GLN A 785 -20.16 9.06 6.56
C GLN A 785 -19.49 7.86 7.24
N LEU A 786 -19.33 6.76 6.49
CA LEU A 786 -18.74 5.54 7.03
C LEU A 786 -17.26 5.73 7.37
N CYS A 787 -16.59 6.64 6.66
CA CYS A 787 -15.32 7.16 7.16
C CYS A 787 -15.53 7.84 8.49
N HIS A 788 -16.60 8.61 8.62
CA HIS A 788 -16.91 9.14 9.95
C HIS A 788 -17.85 8.25 10.76
N THR A 789 -17.62 6.92 10.72
CA THR A 789 -18.09 5.98 11.73
C THR A 789 -16.98 5.06 12.22
N TYR A 790 -15.75 5.53 12.31
CA TYR A 790 -14.71 4.73 12.93
C TYR A 790 -14.90 4.72 14.43
N VAL A 791 -14.18 3.83 15.12
CA VAL A 791 -14.07 3.96 16.56
C VAL A 791 -13.31 5.24 16.89
N ARG A 792 -12.03 5.30 16.53
CA ARG A 792 -11.29 6.56 16.47
C ARG A 792 -11.71 7.39 15.26
N CYS A 793 -12.87 7.99 15.38
CA CYS A 793 -13.36 8.97 14.42
C CYS A 793 -13.01 10.38 14.84
N THR A 794 -12.27 10.52 15.95
CA THR A 794 -11.76 11.80 16.42
C THR A 794 -10.75 12.40 15.45
N ARG A 795 -10.02 11.57 14.73
CA ARG A 795 -9.13 12.00 13.67
C ARG A 795 -9.61 11.33 12.39
N SER A 796 -9.44 12.01 11.26
CA SER A 796 -9.96 11.55 9.98
C SER A 796 -9.27 10.26 9.56
N VAL A 797 -10.07 9.20 9.42
CA VAL A 797 -9.51 7.86 9.35
C VAL A 797 -9.39 7.40 7.90
N SER A 798 -9.94 8.18 6.97
CA SER A 798 -9.66 8.16 5.53
C SER A 798 -10.16 6.96 4.77
N ILE A 799 -10.64 5.95 5.47
CA ILE A 799 -10.93 4.66 4.87
C ILE A 799 -12.06 4.21 5.79
N PRO A 800 -13.20 3.76 5.28
CA PRO A 800 -14.34 3.50 6.15
C PRO A 800 -14.09 2.32 7.07
N ALA A 801 -14.79 2.35 8.21
CA ALA A 801 -14.39 1.62 9.42
C ALA A 801 -14.19 0.11 9.31
N PRO A 802 -15.06 -0.70 8.62
CA PRO A 802 -14.79 -2.14 8.60
C PRO A 802 -13.54 -2.57 7.83
N ALA A 803 -13.02 -1.74 6.92
CA ALA A 803 -11.76 -2.08 6.27
C ALA A 803 -10.59 -1.98 7.23
N TYR A 804 -10.58 -0.96 8.08
CA TYR A 804 -9.48 -0.82 9.02
C TYR A 804 -9.61 -1.80 10.20
N TYR A 805 -10.85 -2.11 10.60
CA TYR A 805 -11.05 -3.22 11.53
C TYR A 805 -10.54 -4.53 10.95
N ALA A 806 -10.79 -4.74 9.66
CA ALA A 806 -10.33 -5.94 8.97
C ALA A 806 -8.81 -6.01 8.94
N HIS A 807 -8.15 -4.85 8.77
CA HIS A 807 -6.66 -4.83 8.80
C HIS A 807 -6.19 -5.29 10.19
N LEU A 808 -6.82 -4.74 11.24
CA LEU A 808 -6.45 -5.11 12.62
C LEU A 808 -6.69 -6.62 12.82
N VAL A 809 -7.88 -7.11 12.44
CA VAL A 809 -8.20 -8.55 12.64
C VAL A 809 -7.33 -9.40 11.70
N ALA A 810 -6.88 -8.84 10.58
CA ALA A 810 -5.96 -9.57 9.69
C ALA A 810 -4.63 -9.79 10.42
N PHE A 811 -4.09 -8.73 11.00
CA PHE A 811 -2.83 -8.85 11.79
C PHE A 811 -3.09 -9.81 12.96
N ARG A 812 -4.32 -9.84 13.47
CA ARG A 812 -4.67 -10.73 14.60
C ARG A 812 -4.54 -12.20 14.14
N ALA A 813 -5.15 -12.54 12.99
CA ALA A 813 -5.04 -13.91 12.45
C ALA A 813 -3.57 -14.21 12.16
N ARG A 814 -2.81 -13.20 11.73
CA ARG A 814 -1.37 -13.38 11.46
C ARG A 814 -0.67 -13.85 12.74
N TYR A 815 -0.87 -13.15 13.86
CA TYR A 815 -0.18 -13.51 15.12
C TYR A 815 -0.76 -14.81 15.68
N HIS A 816 -2.01 -15.14 15.32
CA HIS A 816 -2.67 -16.35 15.89
C HIS A 816 -1.88 -17.62 15.57
N LEU A 817 -0.90 -17.53 14.66
CA LEU A 817 -0.14 -18.74 14.26
C LEU A 817 1.34 -18.38 14.05
N VAL A 818 2.09 -18.20 15.14
CA VAL A 818 3.55 -17.88 15.05
C VAL A 818 4.30 -18.77 16.05
N ASP A 819 3.66 -19.09 17.19
CA ASP A 819 4.32 -19.87 18.23
C ASP A 819 5.08 -21.08 17.66
N LYS A 820 4.55 -21.70 16.62
CA LYS A 820 5.23 -22.81 15.98
C LYS A 820 6.24 -22.32 14.94
N ASP A 838 1.53 -31.09 7.27
CA ASP A 838 1.03 -30.09 6.33
C ASP A 838 0.32 -28.95 7.04
N HIS A 839 -0.97 -29.15 7.33
CA HIS A 839 -1.79 -28.12 7.96
C HIS A 839 -2.23 -28.51 9.37
N GLN A 840 -1.58 -29.51 9.99
CA GLN A 840 -2.00 -29.96 11.31
C GLN A 840 -1.66 -28.95 12.39
N ALA A 841 -0.53 -28.25 12.24
CA ALA A 841 -0.21 -27.16 13.15
C ALA A 841 -1.14 -25.97 12.95
N LEU A 842 -1.66 -25.81 11.72
CA LEU A 842 -2.69 -24.82 11.50
C LEU A 842 -4.02 -25.29 12.08
N ALA A 843 -4.37 -26.56 11.87
CA ALA A 843 -5.68 -27.05 12.28
C ALA A 843 -5.80 -27.27 13.78
N LYS A 844 -4.69 -27.29 14.51
CA LYS A 844 -4.76 -27.47 15.95
C LYS A 844 -4.99 -26.17 16.72
N ALA A 845 -4.90 -25.02 16.07
CA ALA A 845 -5.00 -23.73 16.76
C ALA A 845 -5.86 -22.75 15.97
N VAL A 846 -6.99 -23.24 15.43
CA VAL A 846 -7.96 -22.37 14.76
C VAL A 846 -9.34 -22.45 15.38
N GLN A 847 -9.55 -23.34 16.36
CA GLN A 847 -10.84 -23.49 17.02
C GLN A 847 -11.07 -22.28 17.93
N VAL A 848 -11.67 -21.25 17.34
CA VAL A 848 -11.87 -20.00 18.07
C VAL A 848 -13.03 -20.14 19.06
N HIS A 849 -12.88 -19.51 20.22
CA HIS A 849 -13.82 -19.69 21.31
C HIS A 849 -15.08 -18.85 21.10
N GLN A 850 -16.18 -19.34 21.65
CA GLN A 850 -17.47 -18.65 21.52
C GLN A 850 -17.59 -17.42 22.41
N ASP A 851 -16.71 -17.26 23.39
CA ASP A 851 -16.79 -16.15 24.32
C ASP A 851 -16.06 -14.90 23.84
N THR A 852 -15.54 -14.91 22.61
CA THR A 852 -14.82 -13.76 22.07
C THR A 852 -15.38 -13.30 20.73
N LEU A 853 -16.05 -14.17 19.97
CA LEU A 853 -16.62 -13.79 18.68
C LEU A 853 -17.78 -12.80 18.80
N ARG A 854 -18.38 -12.66 19.99
CA ARG A 854 -19.30 -11.56 20.23
C ARG A 854 -18.57 -10.25 20.50
N THR A 855 -17.31 -10.30 20.93
CA THR A 855 -16.52 -9.13 21.29
C THR A 855 -15.49 -8.85 20.19
N MET A 856 -14.60 -7.92 20.48
CA MET A 856 -13.50 -7.60 19.59
C MET A 856 -12.18 -8.15 20.12
N TYR A 857 -11.22 -8.23 19.20
CA TYR A 857 -9.85 -8.55 19.59
C TYR A 857 -8.86 -7.80 18.73
N PHE A 858 -9.26 -6.66 18.16
CA PHE A 858 -8.48 -5.99 17.13
C PHE A 858 -8.29 -4.49 17.38
N ALA A 859 -9.21 -3.84 18.07
CA ALA A 859 -9.19 -2.38 18.20
C ALA A 859 -8.27 -1.92 19.32
#